data_3APC
#
_entry.id   3APC
#
_cell.length_a   142.910
_cell.length_b   67.550
_cell.length_c   106.490
_cell.angle_alpha   90.000
_cell.angle_beta   95.740
_cell.angle_gamma   90.000
#
_symmetry.space_group_name_H-M   'C 1 2 1'
#
loop_
_entity.id
_entity.type
_entity.pdbx_description
1 polymer 'Phosphatidylinositol-4,5-bisphosphate 3-kinase catalytic subunit gamma isoform'
2 non-polymer 5-(7-Methanesulfonyl-2-morpholin-4-yl-6,7-dihydro-5H-pyrrolo[2,3-d]pyrimidin-4-yl)-pyrimidin-2-ylamine
3 non-polymer 'SULFATE ION'
4 water water
#
_entity_poly.entity_id   1
_entity_poly.type   'polypeptide(L)'
_entity_poly.pdbx_seq_one_letter_code
;GPLHMGSSEESQAFQRQLTALIGYDVTDVSNVHDDELEFTRRGLVTPRMAEVASRDPKLYAMHPWVTSKPLPEYLWKKIA
NNCIFIVIHRSTTSQTIKVSPDDTPGAILQSFFTKMAKKKSLMDIPESQSEQDFVLRVCGRDEYLVGETPIKNFQWVRHC
LKNGEEIHVVLDTPPDPALDEVRKEEWPLVDDCTGVTGYHEQLTIHGKDHESVFTVSLWDCDRKFRVKIRGIDIPVLPRN
TDLTVFVEANIQHGQQVLCQRRTSPKPFTEEVLWNVWLEFSIKIKDLPKGALLNLQIYCGKAPALSSKASAESPSSESKG
KVQLLYYVNLLLIDHRFLLRRGEYVLHMWQISGKGEDQGSFNADKLTSATNPDKENSMSISILLDNYCHPIALPKHQPTP
DPEGDRVRAEMPNQLRKQLEAIIATDPLNPLTAEDKELLWHFRYESLKHPKAYPKLFSSVKWGQQEIVAKTYQLLARREV
WDQSALDVGLTMQLLDCNFSDENVRAIAVQKLESLEDDDVLHYLLQLVQAVKFEPYHDSALARFLLKRGLRNKRIGHFLF
WFLRSEIAQSRHYQQRFAVILEAYLRGCGTAMLHDFTQQVQVIEMLQKVTLDIKSLSAEKYDVSSQVISQLKQKLENLQN
SQLPESFRVPYDPGLKAGALAIEKCKVMASKKKPLWLEFKCADPTALSNETIGIIFKHGDDLRQDMLILQILRIMESIWE
TESLDLCLLPYGCISTGDKIGMIEIVKDATTIAKIQQSTVGNTGAFKDEVLNHWLKEKSPTEEKFQAAVERFVYSCAGYC
VATFVLGIGDRHNDNIMITETGNLFHIDFGHILGNYKSFLGINKERVPFVLTPDFLFVMGTSGKKTSPHFQKFQDICVKA
YLALRHHTNLLIILFSMMLMTGMPQLTSKEDIEYIRDALTVGKNEEDAKKYFLDQIEVCRDKGWTVQFNWFLHLVLGIKQ
GEKHSA
;
_entity_poly.pdbx_strand_id   A
#
loop_
_chem_comp.id
_chem_comp.type
_chem_comp.name
_chem_comp.formula
MMD non-polymer 5-(7-Methanesulfonyl-2-morpholin-4-yl-6,7-dihydro-5H-pyrrolo[2,3-d]pyrimidin-4-yl)-pyrimidin-2-ylamine 'C15 H19 N7 O3 S'
SO4 non-polymer 'SULFATE ION' 'O4 S -2'
#
# COMPACT_ATOMS: atom_id res chain seq x y z
N SER A 8 33.73 17.90 -0.85
CA SER A 8 33.38 18.04 0.59
C SER A 8 32.54 19.29 0.83
N GLU A 9 32.93 20.40 0.22
CA GLU A 9 32.12 21.63 0.24
C GLU A 9 30.94 21.49 -0.74
N GLU A 10 31.23 20.92 -1.91
CA GLU A 10 30.21 20.53 -2.88
C GLU A 10 29.40 19.33 -2.38
N SER A 11 30.05 18.44 -1.63
CA SER A 11 29.39 17.27 -1.06
C SER A 11 28.54 17.63 0.18
N GLN A 12 28.92 18.69 0.89
CA GLN A 12 28.16 19.18 2.04
C GLN A 12 26.76 19.68 1.63
N ALA A 13 26.67 20.34 0.48
CA ALA A 13 25.41 20.88 -0.03
C ALA A 13 24.47 19.78 -0.53
N PHE A 14 25.06 18.76 -1.17
CA PHE A 14 24.30 17.63 -1.71
C PHE A 14 23.48 16.91 -0.63
N GLN A 15 24.09 16.69 0.53
CA GLN A 15 23.42 16.07 1.68
C GLN A 15 22.24 16.91 2.17
N ARG A 16 22.36 18.22 2.10
CA ARG A 16 21.27 19.11 2.48
C ARG A 16 20.14 19.05 1.44
N GLN A 17 20.51 18.77 0.19
CA GLN A 17 19.55 18.56 -0.89
C GLN A 17 18.84 17.23 -0.67
N LEU A 18 19.62 16.19 -0.34
CA LEU A 18 19.04 14.90 0.04
C LEU A 18 18.07 15.06 1.21
N THR A 19 18.43 15.91 2.16
CA THR A 19 17.62 16.09 3.35
C THR A 19 16.25 16.69 3.06
N ALA A 20 16.15 17.69 2.19
CA ALA A 20 14.85 18.31 1.91
C ALA A 20 13.98 17.40 1.03
N LEU A 21 14.64 16.58 0.22
CA LEU A 21 13.96 15.54 -0.53
C LEU A 21 13.36 14.48 0.41
N ILE A 22 14.17 14.01 1.36
CA ILE A 22 13.78 12.94 2.29
C ILE A 22 12.73 13.38 3.29
N GLY A 23 12.92 14.58 3.85
CA GLY A 23 12.02 15.14 4.84
C GLY A 23 12.51 14.91 6.26
N TYR A 24 13.70 14.33 6.38
CA TYR A 24 14.33 14.05 7.67
C TYR A 24 15.84 13.99 7.44
N ASP A 25 16.61 14.45 8.42
CA ASP A 25 18.08 14.50 8.30
C ASP A 25 18.69 13.23 8.86
N VAL A 26 19.26 12.40 7.97
CA VAL A 26 19.82 11.12 8.36
C VAL A 26 21.22 11.21 8.98
N THR A 27 21.63 12.44 9.34
CA THR A 27 22.88 12.63 10.03
C THR A 27 22.67 13.17 11.44
N ASP A 28 21.58 13.91 11.67
CA ASP A 28 21.23 14.40 13.00
C ASP A 28 21.10 13.23 13.97
N VAL A 29 22.16 13.01 14.75
CA VAL A 29 22.28 11.87 15.64
C VAL A 29 21.87 12.16 17.08
N SER A 30 20.89 13.03 17.27
CA SER A 30 20.34 13.28 18.60
C SER A 30 19.59 12.08 19.19
N ASN A 31 19.02 11.23 18.33
CA ASN A 31 18.13 10.14 18.77
C ASN A 31 18.67 8.76 18.40
N VAL A 32 19.91 8.48 18.80
CA VAL A 32 20.52 7.18 18.59
C VAL A 32 21.30 6.77 19.85
N HIS A 33 21.39 5.47 20.11
CA HIS A 33 22.18 4.95 21.23
C HIS A 33 23.19 3.92 20.76
N ASP A 34 23.37 3.83 19.45
CA ASP A 34 24.36 2.95 18.85
C ASP A 34 24.57 3.43 17.42
N ASP A 35 25.37 2.72 16.64
CA ASP A 35 25.63 3.15 15.27
C ASP A 35 24.90 2.30 14.22
N GLU A 36 23.74 1.74 14.55
CA GLU A 36 23.04 0.84 13.60
C GLU A 36 22.60 1.56 12.33
N LEU A 37 22.06 2.77 12.48
CA LEU A 37 21.66 3.52 11.31
C LEU A 37 22.86 3.81 10.40
N GLU A 38 23.94 4.37 10.96
CA GLU A 38 25.15 4.66 10.17
C GLU A 38 25.73 3.38 9.56
N PHE A 39 25.77 2.32 10.35
CA PHE A 39 26.21 1.02 9.86
C PHE A 39 25.38 0.63 8.63
N THR A 40 24.08 0.92 8.69
CA THR A 40 23.15 0.61 7.60
C THR A 40 23.33 1.55 6.41
N ARG A 41 23.42 2.85 6.68
CA ARG A 41 23.78 3.81 5.63
C ARG A 41 25.06 3.44 4.94
N ARG A 42 25.99 2.86 5.69
CA ARG A 42 27.27 2.41 5.16
C ARG A 42 27.08 1.09 4.42
N GLY A 43 26.29 0.19 5.01
CA GLY A 43 26.02 -1.11 4.39
C GLY A 43 25.22 -1.08 3.08
N LEU A 44 24.43 -0.02 2.86
CA LEU A 44 23.63 0.07 1.64
C LEU A 44 24.38 0.68 0.43
N VAL A 45 25.69 0.89 0.59
CA VAL A 45 26.53 1.40 -0.51
C VAL A 45 26.80 0.34 -1.57
N THR A 46 27.05 -0.89 -1.14
CA THR A 46 27.34 -2.00 -2.07
C THR A 46 26.14 -2.33 -2.96
N PRO A 47 24.99 -2.68 -2.37
CA PRO A 47 23.84 -3.05 -3.19
C PRO A 47 23.43 -1.93 -4.15
N ARG A 48 23.52 -0.68 -3.69
CA ARG A 48 23.24 0.48 -4.55
C ARG A 48 24.17 0.58 -5.74
N MET A 49 25.48 0.60 -5.48
CA MET A 49 26.47 0.67 -6.55
C MET A 49 26.38 -0.58 -7.44
N ALA A 50 26.13 -1.73 -6.82
CA ALA A 50 26.00 -2.99 -7.55
C ALA A 50 24.80 -3.02 -8.52
N GLU A 51 23.78 -2.20 -8.28
CA GLU A 51 22.62 -2.15 -9.17
C GLU A 51 22.75 -1.01 -10.18
N VAL A 52 23.23 0.14 -9.70
CA VAL A 52 23.54 1.28 -10.58
C VAL A 52 24.52 0.88 -11.69
N ALA A 53 25.51 0.05 -11.35
CA ALA A 53 26.46 -0.44 -12.34
C ALA A 53 25.91 -1.57 -13.22
N SER A 54 24.78 -2.17 -12.82
CA SER A 54 24.28 -3.39 -13.46
C SER A 54 23.10 -3.14 -14.41
N ARG A 55 22.59 -1.91 -14.45
CA ARG A 55 21.39 -1.61 -15.23
C ARG A 55 21.71 -0.98 -16.58
N ASP A 56 21.07 -1.51 -17.64
CA ASP A 56 21.18 -0.96 -18.99
C ASP A 56 20.79 0.52 -19.00
N PRO A 57 21.70 1.40 -19.46
CA PRO A 57 21.40 2.83 -19.40
C PRO A 57 20.22 3.27 -20.23
N LYS A 58 20.02 2.63 -21.39
CA LYS A 58 18.94 3.01 -22.31
C LYS A 58 17.60 2.56 -21.76
N LEU A 59 17.48 1.26 -21.48
CA LEU A 59 16.23 0.72 -20.96
C LEU A 59 15.88 1.28 -19.55
N TYR A 60 16.88 1.77 -18.82
CA TYR A 60 16.61 2.48 -17.57
C TYR A 60 16.07 3.87 -17.84
N ALA A 61 16.59 4.52 -18.89
CA ALA A 61 16.24 5.91 -19.21
C ALA A 61 14.81 6.02 -19.74
N MET A 62 14.39 5.04 -20.53
CA MET A 62 13.04 5.00 -21.12
C MET A 62 12.06 4.11 -20.36
N HIS A 63 12.58 3.21 -19.54
CA HIS A 63 11.78 2.44 -18.57
C HIS A 63 10.48 1.87 -19.15
N PRO A 64 10.58 0.97 -20.14
CA PRO A 64 9.36 0.35 -20.65
C PRO A 64 8.60 -0.35 -19.54
N TRP A 65 7.29 -0.13 -19.50
CA TRP A 65 6.39 -0.80 -18.56
C TRP A 65 5.76 -1.97 -19.31
N VAL A 66 6.14 -3.19 -18.93
CA VAL A 66 5.74 -4.40 -19.65
C VAL A 66 5.35 -5.54 -18.71
N THR A 67 4.82 -6.63 -19.30
CA THR A 67 4.39 -7.80 -18.53
C THR A 67 4.59 -9.09 -19.32
N SER A 68 4.87 -10.19 -18.63
CA SER A 68 4.98 -11.51 -19.25
C SER A 68 3.66 -12.27 -19.17
N LYS A 69 2.67 -11.70 -18.49
CA LYS A 69 1.40 -12.37 -18.33
C LYS A 69 0.72 -12.44 -19.68
N PRO A 70 -0.11 -13.47 -19.89
CA PRO A 70 -0.80 -13.58 -21.17
C PRO A 70 -1.76 -12.43 -21.35
N LEU A 71 -2.03 -12.04 -22.59
CA LEU A 71 -3.08 -11.07 -22.82
C LEU A 71 -4.40 -11.76 -22.44
N PRO A 72 -5.14 -11.20 -21.48
CA PRO A 72 -6.35 -11.88 -21.01
C PRO A 72 -7.40 -12.07 -22.11
N GLU A 73 -8.31 -13.03 -21.87
CA GLU A 73 -9.37 -13.35 -22.83
C GLU A 73 -10.14 -12.11 -23.26
N TYR A 74 -10.59 -11.34 -22.29
CA TYR A 74 -11.40 -10.14 -22.56
C TYR A 74 -10.72 -9.06 -23.41
N LEU A 75 -9.40 -9.11 -23.56
CA LEU A 75 -8.67 -8.18 -24.43
C LEU A 75 -8.37 -8.76 -25.82
N TRP A 76 -8.33 -10.09 -25.96
CA TRP A 76 -8.25 -10.73 -27.29
C TRP A 76 -9.56 -10.51 -28.04
N LYS A 77 -10.69 -10.68 -27.34
CA LYS A 77 -12.02 -10.45 -27.91
C LYS A 77 -12.20 -9.03 -28.49
N LYS A 78 -11.39 -8.09 -28.01
CA LYS A 78 -11.38 -6.72 -28.54
C LYS A 78 -10.55 -6.60 -29.81
N ILE A 79 -9.60 -7.52 -30.01
CA ILE A 79 -8.79 -7.58 -31.24
C ILE A 79 -9.50 -8.39 -32.34
N ALA A 80 -9.90 -7.69 -33.40
CA ALA A 80 -10.49 -8.34 -34.58
C ALA A 80 -9.39 -8.63 -35.60
N ASN A 81 -9.42 -9.84 -36.16
CA ASN A 81 -8.51 -10.23 -37.24
C ASN A 81 -7.04 -9.95 -36.90
N ASN A 82 -6.64 -10.39 -35.71
CA ASN A 82 -5.24 -10.36 -35.23
C ASN A 82 -4.37 -9.22 -35.73
N CYS A 83 -4.89 -8.00 -35.62
CA CYS A 83 -4.07 -6.82 -35.86
C CYS A 83 -4.48 -5.68 -34.91
N ILE A 84 -3.54 -4.78 -34.66
CA ILE A 84 -3.76 -3.64 -33.77
C ILE A 84 -3.43 -2.37 -34.53
N PHE A 85 -4.16 -1.30 -34.23
CA PHE A 85 -4.02 -0.05 -34.95
C PHE A 85 -3.19 0.96 -34.15
N ILE A 86 -1.89 1.03 -34.48
CA ILE A 86 -1.00 2.04 -33.93
C ILE A 86 -1.18 3.30 -34.77
N VAL A 87 -1.43 4.43 -34.11
CA VAL A 87 -1.46 5.73 -34.80
C VAL A 87 -0.17 6.49 -34.50
N ILE A 88 0.76 6.49 -35.45
CA ILE A 88 2.01 7.22 -35.26
C ILE A 88 1.79 8.68 -35.62
N HIS A 89 2.52 9.58 -34.94
CA HIS A 89 2.47 11.01 -35.19
C HIS A 89 3.87 11.51 -35.53
N ARG A 90 4.00 12.81 -35.80
CA ARG A 90 5.32 13.44 -35.92
C ARG A 90 5.21 14.96 -35.76
N SER A 91 4.67 15.64 -36.78
CA SER A 91 4.49 17.10 -36.75
C SER A 91 3.14 17.42 -37.41
N THR A 92 2.10 16.72 -36.95
CA THR A 92 0.79 16.70 -37.62
C THR A 92 0.79 15.82 -38.88
N THR A 93 1.76 14.89 -38.95
CA THR A 93 1.79 13.87 -39.99
C THR A 93 1.40 12.52 -39.39
N SER A 94 0.10 12.35 -39.17
CA SER A 94 -0.44 11.08 -38.67
C SER A 94 -0.43 10.00 -39.75
N GLN A 95 -0.37 8.75 -39.32
CA GLN A 95 -0.47 7.61 -40.22
C GLN A 95 -0.75 6.34 -39.42
N THR A 96 -1.97 5.82 -39.54
CA THR A 96 -2.37 4.60 -38.83
C THR A 96 -1.70 3.38 -39.45
N ILE A 97 -1.33 2.40 -38.63
CA ILE A 97 -0.69 1.17 -39.09
C ILE A 97 -1.30 -0.09 -38.48
N LYS A 98 -1.57 -1.09 -39.31
CA LYS A 98 -1.96 -2.42 -38.83
C LYS A 98 -0.69 -3.15 -38.39
N VAL A 99 -0.73 -3.74 -37.20
CA VAL A 99 0.44 -4.37 -36.58
C VAL A 99 0.01 -5.67 -35.89
N SER A 100 0.86 -6.68 -35.93
CA SER A 100 0.59 -7.95 -35.24
C SER A 100 0.87 -7.78 -33.74
N PRO A 101 0.04 -8.41 -32.88
CA PRO A 101 0.29 -8.31 -31.43
C PRO A 101 1.71 -8.69 -31.02
N ASP A 102 2.30 -9.64 -31.75
CA ASP A 102 3.61 -10.15 -31.40
C ASP A 102 4.76 -9.31 -31.96
N ASP A 103 4.44 -8.19 -32.63
CA ASP A 103 5.47 -7.33 -33.24
C ASP A 103 6.26 -6.54 -32.21
N THR A 104 7.59 -6.68 -32.25
CA THR A 104 8.48 -5.87 -31.44
C THR A 104 8.45 -4.42 -31.94
N PRO A 105 8.55 -3.43 -31.02
CA PRO A 105 8.54 -2.02 -31.41
C PRO A 105 9.58 -1.59 -32.44
N GLY A 106 10.79 -2.14 -32.33
CA GLY A 106 11.85 -1.88 -33.33
C GLY A 106 11.42 -2.37 -34.70
N ALA A 107 10.71 -3.52 -34.71
CA ALA A 107 10.16 -4.11 -35.92
C ALA A 107 8.82 -3.49 -36.33
N ILE A 108 8.41 -2.43 -35.65
CA ILE A 108 7.23 -1.66 -36.02
C ILE A 108 7.68 -0.35 -36.67
N LEU A 109 8.76 0.24 -36.16
CA LEU A 109 9.44 1.35 -36.84
C LEU A 109 9.97 0.92 -38.21
N GLN A 110 10.28 -0.37 -38.33
CA GLN A 110 10.67 -0.98 -39.61
C GLN A 110 9.51 -1.01 -40.62
N SER A 111 8.28 -1.16 -40.14
CA SER A 111 7.11 -1.09 -41.02
C SER A 111 6.82 0.35 -41.45
N PHE A 112 6.99 1.29 -40.51
CA PHE A 112 6.71 2.71 -40.77
C PHE A 112 7.81 3.36 -41.61
N PHE A 113 9.03 3.35 -41.08
CA PHE A 113 10.16 4.01 -41.76
C PHE A 113 10.63 3.24 -42.99
N THR A 114 11.08 2.00 -42.78
CA THR A 114 11.72 1.20 -43.85
C THR A 114 10.77 0.75 -44.96
N LYS A 115 9.49 0.62 -44.66
CA LYS A 115 8.49 0.15 -45.63
C LYS A 115 7.57 1.28 -46.12
N MET A 116 6.67 1.75 -45.25
CA MET A 116 5.63 2.71 -45.63
C MET A 116 6.14 4.07 -46.11
N ALA A 117 7.42 4.35 -45.88
CA ALA A 117 8.08 5.58 -46.36
C ALA A 117 7.44 6.84 -45.78
N SER A 130 24.24 2.41 -39.94
CA SER A 130 24.13 3.55 -40.85
C SER A 130 23.09 4.56 -40.36
N GLU A 131 21.88 4.09 -40.12
CA GLU A 131 20.73 4.96 -39.82
C GLU A 131 20.74 5.53 -38.40
N GLN A 132 19.86 6.49 -38.17
CA GLN A 132 19.72 7.15 -36.87
C GLN A 132 18.51 6.57 -36.14
N ASP A 133 18.77 5.75 -35.12
CA ASP A 133 17.70 5.01 -34.43
C ASP A 133 16.86 5.89 -33.50
N PHE A 134 15.53 5.78 -33.61
CA PHE A 134 14.56 6.51 -32.78
C PHE A 134 13.58 5.55 -32.12
N VAL A 135 12.67 6.08 -31.29
CA VAL A 135 11.78 5.23 -30.47
C VAL A 135 10.36 5.77 -30.35
N LEU A 136 9.41 4.89 -30.09
CA LEU A 136 8.00 5.25 -29.98
C LEU A 136 7.62 5.62 -28.54
N ARG A 137 7.35 6.91 -28.31
CA ARG A 137 6.84 7.38 -27.01
C ARG A 137 5.33 7.54 -27.10
N VAL A 138 4.62 7.39 -25.98
CA VAL A 138 3.17 7.58 -25.98
C VAL A 138 2.86 9.07 -25.98
N CYS A 139 1.89 9.48 -26.79
CA CYS A 139 1.53 10.89 -26.88
C CYS A 139 1.10 11.42 -25.50
N GLY A 140 1.66 12.57 -25.12
CA GLY A 140 1.32 13.24 -23.86
C GLY A 140 1.87 12.61 -22.59
N ARG A 141 2.78 11.64 -22.74
CA ARG A 141 3.28 10.89 -21.60
C ARG A 141 4.76 10.56 -21.70
N ASP A 142 5.39 10.45 -20.53
CA ASP A 142 6.73 9.90 -20.40
C ASP A 142 6.54 8.38 -20.29
N GLU A 143 6.31 7.77 -21.44
CA GLU A 143 6.07 6.33 -21.54
C GLU A 143 6.52 5.85 -22.90
N TYR A 144 7.43 4.88 -22.92
CA TYR A 144 8.06 4.46 -24.16
C TYR A 144 7.77 3.00 -24.50
N LEU A 145 7.72 2.71 -25.79
CA LEU A 145 7.46 1.37 -26.30
C LEU A 145 8.74 0.86 -26.97
N VAL A 146 9.71 0.49 -26.12
CA VAL A 146 11.03 0.04 -26.56
C VAL A 146 11.31 -1.32 -25.96
N GLY A 147 12.38 -1.96 -26.43
CA GLY A 147 12.85 -3.22 -25.85
C GLY A 147 12.25 -4.43 -26.53
N GLU A 148 12.81 -5.60 -26.24
CA GLU A 148 12.45 -6.82 -26.93
C GLU A 148 11.22 -7.48 -26.33
N THR A 149 10.07 -6.82 -26.53
CA THR A 149 8.80 -7.25 -25.99
C THR A 149 7.75 -7.11 -27.09
N PRO A 150 6.79 -8.05 -27.19
CA PRO A 150 5.73 -7.89 -28.16
C PRO A 150 4.77 -6.77 -27.75
N ILE A 151 4.23 -6.05 -28.73
CA ILE A 151 3.40 -4.86 -28.49
C ILE A 151 2.21 -5.16 -27.57
N LYS A 152 1.73 -6.40 -27.60
CA LYS A 152 0.64 -6.81 -26.71
C LYS A 152 1.03 -6.77 -25.23
N ASN A 153 2.32 -6.89 -24.94
CA ASN A 153 2.78 -7.04 -23.55
C ASN A 153 3.14 -5.71 -22.85
N PHE A 154 3.00 -4.58 -23.53
CA PHE A 154 3.14 -3.26 -22.91
C PHE A 154 1.81 -2.86 -22.24
N GLN A 155 1.87 -2.42 -20.98
CA GLN A 155 0.63 -2.16 -20.22
C GLN A 155 -0.20 -1.02 -20.79
N TRP A 156 0.47 0.02 -21.30
CA TRP A 156 -0.25 1.14 -21.90
C TRP A 156 -1.10 0.67 -23.07
N VAL A 157 -0.58 -0.26 -23.86
CA VAL A 157 -1.31 -0.87 -24.95
C VAL A 157 -2.53 -1.62 -24.42
N ARG A 158 -2.34 -2.38 -23.34
CA ARG A 158 -3.42 -3.14 -22.73
C ARG A 158 -4.44 -2.17 -22.18
N HIS A 159 -3.95 -1.07 -21.62
CA HIS A 159 -4.82 -0.03 -21.06
C HIS A 159 -5.69 0.58 -22.16
N CYS A 160 -5.09 0.82 -23.31
CA CYS A 160 -5.81 1.36 -24.46
C CYS A 160 -6.90 0.39 -24.91
N LEU A 161 -6.58 -0.91 -24.95
CA LEU A 161 -7.57 -1.90 -25.32
C LEU A 161 -8.74 -1.90 -24.32
N LYS A 162 -8.43 -2.16 -23.06
CA LYS A 162 -9.45 -2.32 -22.01
C LYS A 162 -10.49 -1.19 -21.96
N ASN A 163 -10.06 0.05 -22.23
CA ASN A 163 -10.96 1.21 -22.13
C ASN A 163 -11.48 1.73 -23.47
N GLY A 164 -11.27 0.95 -24.53
CA GLY A 164 -11.75 1.31 -25.88
C GLY A 164 -10.99 2.43 -26.56
N GLU A 165 -9.81 2.76 -26.05
CA GLU A 165 -9.01 3.87 -26.58
C GLU A 165 -8.12 3.37 -27.72
N GLU A 166 -7.37 4.31 -28.30
CA GLU A 166 -6.58 4.04 -29.50
C GLU A 166 -5.12 4.43 -29.24
N ILE A 167 -4.19 3.59 -29.70
CA ILE A 167 -2.79 3.71 -29.33
C ILE A 167 -2.06 4.79 -30.15
N HIS A 168 -1.92 5.98 -29.58
CA HIS A 168 -1.25 7.10 -30.25
C HIS A 168 0.18 7.28 -29.74
N VAL A 169 1.12 7.44 -30.67
CA VAL A 169 2.54 7.57 -30.32
C VAL A 169 3.29 8.55 -31.22
N VAL A 170 4.24 9.27 -30.64
CA VAL A 170 5.15 10.15 -31.37
C VAL A 170 6.48 9.43 -31.69
N LEU A 171 6.99 9.62 -32.89
CA LEU A 171 8.29 9.09 -33.27
C LEU A 171 9.37 10.14 -33.02
N ASP A 172 9.89 10.19 -31.79
CA ASP A 172 10.93 11.17 -31.43
C ASP A 172 12.20 10.49 -30.92
N THR A 173 13.20 11.30 -30.55
CA THR A 173 14.51 10.78 -30.18
C THR A 173 14.50 10.23 -28.76
N PRO A 174 15.31 9.18 -28.49
CA PRO A 174 15.48 8.69 -27.12
C PRO A 174 16.04 9.74 -26.15
N PRO A 175 15.67 9.66 -24.87
CA PRO A 175 16.29 10.54 -23.87
C PRO A 175 17.73 10.09 -23.61
N ASP A 176 18.59 11.06 -23.31
CA ASP A 176 20.02 10.83 -23.16
C ASP A 176 20.32 10.08 -21.84
N PRO A 177 20.88 8.85 -21.93
CA PRO A 177 21.27 8.09 -20.74
C PRO A 177 22.27 8.81 -19.84
N ALA A 178 22.88 9.87 -20.35
CA ALA A 178 23.79 10.71 -19.57
C ALA A 178 23.04 11.58 -18.56
N LEU A 179 21.76 11.84 -18.80
CA LEU A 179 20.98 12.70 -17.91
C LEU A 179 20.65 12.04 -16.57
N ASP A 180 20.60 10.70 -16.55
CA ASP A 180 20.31 9.98 -15.31
C ASP A 180 21.51 9.18 -14.81
N GLU A 181 22.67 9.83 -14.78
CA GLU A 181 23.88 9.27 -14.21
C GLU A 181 24.04 9.84 -12.81
N VAL A 182 24.93 9.25 -12.02
CA VAL A 182 25.04 9.53 -10.60
C VAL A 182 26.34 10.25 -10.24
N ARG A 183 26.31 11.02 -9.13
CA ARG A 183 27.54 11.57 -8.54
C ARG A 183 28.51 10.47 -8.12
N LYS A 184 29.80 10.73 -8.29
CA LYS A 184 30.83 9.83 -7.80
C LYS A 184 30.89 9.86 -6.27
N GLU A 185 31.15 8.70 -5.66
CA GLU A 185 31.26 8.58 -4.19
C GLU A 185 32.73 8.66 -3.77
N CYS A 221 28.28 -17.66 27.38
CA CYS A 221 28.22 -18.14 28.75
C CYS A 221 26.86 -18.78 29.03
N ASP A 222 26.77 -19.51 30.15
CA ASP A 222 25.51 -20.13 30.57
C ASP A 222 24.83 -19.37 31.72
N ARG A 223 25.30 -18.18 32.03
CA ARG A 223 24.64 -17.34 33.03
C ARG A 223 23.24 -17.02 32.55
N LYS A 224 22.31 -16.92 33.48
CA LYS A 224 20.97 -16.49 33.15
C LYS A 224 21.02 -14.99 32.79
N PHE A 225 20.39 -14.63 31.67
CA PHE A 225 20.35 -13.23 31.25
C PHE A 225 19.75 -12.40 32.35
N ARG A 226 20.37 -11.25 32.62
CA ARG A 226 19.86 -10.31 33.60
C ARG A 226 19.94 -8.90 33.09
N VAL A 227 19.03 -8.06 33.57
CA VAL A 227 19.05 -6.65 33.28
C VAL A 227 18.70 -5.88 34.55
N LYS A 228 19.49 -4.85 34.83
CA LYS A 228 19.25 -3.97 35.98
C LYS A 228 18.34 -2.83 35.53
N ILE A 229 17.23 -2.65 36.26
CA ILE A 229 16.36 -1.49 36.09
C ILE A 229 16.72 -0.42 37.14
N ARG A 230 17.45 0.61 36.72
CA ARG A 230 17.85 1.69 37.61
C ARG A 230 16.63 2.49 38.05
N GLY A 231 15.82 2.91 37.09
CA GLY A 231 14.60 3.66 37.38
C GLY A 231 14.03 4.32 36.15
N ILE A 232 12.90 5.00 36.32
CA ILE A 232 12.22 5.72 35.26
C ILE A 232 12.05 7.19 35.62
N ASP A 233 11.89 8.03 34.61
CA ASP A 233 11.91 9.47 34.80
C ASP A 233 11.00 10.18 33.81
N ILE A 234 9.87 10.70 34.29
CA ILE A 234 9.03 11.61 33.50
C ILE A 234 9.13 13.05 34.03
N PRO A 235 9.30 14.04 33.13
CA PRO A 235 9.41 15.43 33.59
C PRO A 235 8.15 15.97 34.25
N VAL A 236 6.98 15.63 33.70
CA VAL A 236 5.69 16.00 34.29
C VAL A 236 4.73 14.83 34.25
N LEU A 237 4.35 14.33 35.43
CA LEU A 237 3.33 13.28 35.56
C LEU A 237 1.93 13.87 35.39
N PRO A 238 1.32 13.70 34.21
CA PRO A 238 0.08 14.42 33.94
C PRO A 238 -1.15 13.86 34.67
N ARG A 239 -1.20 12.54 34.88
CA ARG A 239 -2.36 11.86 35.48
C ARG A 239 -2.86 12.54 36.76
N ASN A 240 -4.19 12.67 36.87
CA ASN A 240 -4.82 13.49 37.90
C ASN A 240 -4.68 12.97 39.33
N THR A 241 -5.06 11.71 39.55
CA THR A 241 -5.00 11.07 40.87
C THR A 241 -3.61 10.50 41.12
N ASP A 242 -3.35 10.07 42.37
CA ASP A 242 -2.13 9.31 42.68
C ASP A 242 -2.24 7.90 42.12
N LEU A 243 -1.10 7.28 41.85
CA LEU A 243 -1.07 5.93 41.28
C LEU A 243 0.13 5.11 41.78
N THR A 244 0.19 3.85 41.34
CA THR A 244 1.37 3.00 41.53
C THR A 244 1.83 2.48 40.16
N VAL A 245 3.12 2.18 40.05
CA VAL A 245 3.70 1.77 38.76
C VAL A 245 4.79 0.71 38.91
N PHE A 246 4.86 -0.20 37.94
CA PHE A 246 5.92 -1.19 37.85
C PHE A 246 6.42 -1.29 36.42
N VAL A 247 7.68 -1.68 36.28
CA VAL A 247 8.28 -1.90 34.99
C VAL A 247 8.12 -3.38 34.64
N GLU A 248 7.69 -3.67 33.40
CA GLU A 248 7.62 -5.04 32.92
C GLU A 248 8.67 -5.23 31.83
N ALA A 249 9.54 -6.22 32.01
CA ALA A 249 10.61 -6.48 31.06
C ALA A 249 10.37 -7.85 30.41
N ASN A 250 10.11 -7.81 29.10
CA ASN A 250 9.84 -9.00 28.32
C ASN A 250 11.01 -9.26 27.41
N ILE A 251 11.34 -10.54 27.23
CA ILE A 251 12.25 -10.95 26.16
C ILE A 251 11.40 -11.51 25.06
N GLN A 252 11.34 -10.81 23.93
CA GLN A 252 10.46 -11.16 22.83
C GLN A 252 11.22 -11.56 21.58
N HIS A 253 10.62 -12.50 20.84
CA HIS A 253 11.06 -12.86 19.50
C HIS A 253 9.81 -13.04 18.66
N GLY A 254 9.64 -12.20 17.65
CA GLY A 254 8.53 -12.31 16.71
C GLY A 254 7.16 -12.48 17.35
N GLN A 255 6.80 -11.52 18.23
CA GLN A 255 5.49 -11.49 18.91
C GLN A 255 5.29 -12.57 20.00
N GLN A 256 6.24 -13.48 20.16
CA GLN A 256 6.21 -14.40 21.27
C GLN A 256 7.08 -13.84 22.39
N VAL A 257 6.52 -13.76 23.59
CA VAL A 257 7.29 -13.43 24.77
C VAL A 257 7.92 -14.70 25.32
N LEU A 258 9.24 -14.82 25.20
CA LEU A 258 9.97 -15.98 25.68
C LEU A 258 10.01 -16.02 27.20
N CYS A 259 10.38 -14.89 27.81
CA CYS A 259 10.47 -14.81 29.26
C CYS A 259 10.08 -13.43 29.74
N GLN A 260 9.63 -13.36 30.98
CA GLN A 260 9.05 -12.14 31.55
C GLN A 260 9.42 -11.98 33.05
N ARG A 261 9.85 -10.78 33.43
CA ARG A 261 10.00 -10.37 34.83
C ARG A 261 9.20 -9.10 35.09
N ARG A 262 9.01 -8.77 36.36
CA ARG A 262 8.37 -7.51 36.78
C ARG A 262 9.06 -6.95 38.02
N THR A 263 9.02 -5.64 38.19
CA THR A 263 9.48 -4.98 39.41
C THR A 263 8.33 -4.95 40.43
N SER A 264 8.67 -4.59 41.67
CA SER A 264 7.69 -4.35 42.71
C SER A 264 7.06 -3.00 42.43
N PRO A 265 5.78 -2.82 42.78
CA PRO A 265 5.19 -1.51 42.51
C PRO A 265 5.67 -0.44 43.49
N LYS A 266 5.98 0.74 42.97
CA LYS A 266 6.31 1.90 43.80
C LYS A 266 5.34 3.05 43.47
N PRO A 267 5.29 4.07 44.34
CA PRO A 267 4.37 5.14 44.05
C PRO A 267 4.77 5.90 42.79
N PHE A 268 3.79 6.43 42.08
CA PHE A 268 4.07 7.12 40.83
C PHE A 268 4.48 8.57 41.13
N THR A 269 5.77 8.84 40.96
CA THR A 269 6.33 10.18 41.11
C THR A 269 7.22 10.49 39.91
N GLU A 270 7.48 11.77 39.68
CA GLU A 270 8.29 12.23 38.54
C GLU A 270 9.56 11.40 38.35
N GLU A 271 10.15 10.96 39.47
CA GLU A 271 11.29 10.07 39.46
C GLU A 271 10.99 8.85 40.33
N VAL A 272 11.25 7.65 39.80
CA VAL A 272 11.03 6.41 40.53
C VAL A 272 12.19 5.47 40.29
N LEU A 273 12.94 5.17 41.35
CA LEU A 273 14.15 4.33 41.29
C LEU A 273 13.91 2.94 41.92
N TRP A 274 14.53 1.92 41.32
CA TRP A 274 14.48 0.54 41.83
C TRP A 274 15.88 0.00 42.16
N ASN A 275 16.83 0.20 41.25
CA ASN A 275 18.15 -0.41 41.34
C ASN A 275 18.10 -1.95 41.45
N VAL A 276 17.02 -2.56 40.96
CA VAL A 276 16.85 -4.02 41.01
C VAL A 276 17.38 -4.75 39.77
N TRP A 277 18.07 -5.86 40.01
CA TRP A 277 18.41 -6.81 38.95
C TRP A 277 17.21 -7.70 38.68
N LEU A 278 16.77 -7.77 37.43
CA LEU A 278 15.77 -8.75 37.00
C LEU A 278 16.49 -9.88 36.30
N GLU A 279 16.51 -11.05 36.95
CA GLU A 279 17.09 -12.26 36.36
C GLU A 279 15.98 -13.00 35.62
N PHE A 280 16.28 -13.45 34.41
CA PHE A 280 15.30 -14.18 33.61
C PHE A 280 15.66 -15.65 33.61
N SER A 281 14.71 -16.48 33.19
CA SER A 281 14.92 -17.94 33.09
C SER A 281 15.84 -18.30 31.92
N ILE A 282 15.79 -17.52 30.85
CA ILE A 282 16.54 -17.82 29.63
C ILE A 282 18.03 -17.61 29.85
N LYS A 283 18.85 -18.39 29.16
CA LYS A 283 20.30 -18.24 29.25
C LYS A 283 20.79 -17.36 28.11
N ILE A 284 21.89 -16.66 28.35
CA ILE A 284 22.54 -15.82 27.35
C ILE A 284 22.80 -16.60 26.08
N LYS A 285 23.26 -17.85 26.21
CA LYS A 285 23.42 -18.75 25.07
C LYS A 285 22.13 -18.92 24.28
N ASP A 286 21.01 -18.94 24.99
CA ASP A 286 19.71 -19.24 24.41
C ASP A 286 19.02 -18.06 23.71
N LEU A 287 19.61 -16.86 23.76
CA LEU A 287 19.00 -15.69 23.15
C LEU A 287 19.21 -15.74 21.62
N PRO A 288 18.10 -15.73 20.86
CA PRO A 288 18.20 -15.72 19.41
C PRO A 288 18.38 -14.29 18.86
N LYS A 289 19.21 -14.18 17.82
CA LYS A 289 19.38 -12.92 17.09
C LYS A 289 18.02 -12.36 16.68
N GLY A 290 17.83 -11.08 16.93
CA GLY A 290 16.54 -10.45 16.68
C GLY A 290 15.62 -10.43 17.89
N ALA A 291 16.05 -11.02 19.00
CA ALA A 291 15.29 -10.92 20.24
C ALA A 291 15.32 -9.46 20.69
N LEU A 292 14.19 -8.99 21.21
CA LEU A 292 14.05 -7.65 21.77
C LEU A 292 13.90 -7.69 23.28
N LEU A 293 14.56 -6.75 23.96
CA LEU A 293 14.20 -6.41 25.32
C LEU A 293 13.09 -5.39 25.18
N ASN A 294 11.86 -5.79 25.51
CA ASN A 294 10.70 -4.90 25.50
C ASN A 294 10.45 -4.47 26.93
N LEU A 295 10.58 -3.17 27.20
CA LEU A 295 10.35 -2.62 28.54
C LEU A 295 9.04 -1.82 28.54
N GLN A 296 8.22 -2.03 29.57
CA GLN A 296 6.87 -1.46 29.62
C GLN A 296 6.47 -0.97 31.00
N ILE A 297 5.79 0.17 31.06
CA ILE A 297 5.37 0.76 32.33
C ILE A 297 3.87 0.62 32.46
N TYR A 298 3.43 0.06 33.58
CA TYR A 298 2.01 -0.21 33.84
C TYR A 298 1.55 0.57 35.05
N CYS A 299 0.23 0.73 35.19
CA CYS A 299 -0.36 1.27 36.41
C CYS A 299 -1.80 0.83 36.57
N VAL A 322 -5.34 -2.03 35.83
CA VAL A 322 -4.00 -2.27 35.34
C VAL A 322 -3.93 -1.82 33.88
N GLN A 323 -2.96 -0.95 33.57
CA GLN A 323 -2.93 -0.28 32.26
C GLN A 323 -1.52 0.01 31.76
N LEU A 324 -1.28 -0.31 30.49
CA LEU A 324 0.00 -0.02 29.83
C LEU A 324 0.08 1.45 29.49
N LEU A 325 1.10 2.13 30.01
CA LEU A 325 1.28 3.56 29.78
C LEU A 325 2.42 3.87 28.81
N TYR A 326 3.53 3.13 28.91
CA TYR A 326 4.71 3.44 28.11
C TYR A 326 5.45 2.17 27.69
N TYR A 327 6.06 2.21 26.51
CA TYR A 327 6.87 1.08 26.05
C TYR A 327 8.15 1.54 25.35
N VAL A 328 9.18 0.72 25.40
CA VAL A 328 10.34 0.91 24.53
C VAL A 328 11.03 -0.42 24.36
N ASN A 329 11.72 -0.60 23.24
CA ASN A 329 12.39 -1.85 22.94
C ASN A 329 13.87 -1.64 22.67
N LEU A 330 14.64 -2.71 22.80
CA LEU A 330 16.07 -2.67 22.54
C LEU A 330 16.53 -4.03 22.10
N LEU A 331 17.14 -4.10 20.93
CA LEU A 331 17.69 -5.36 20.43
C LEU A 331 18.77 -5.86 21.39
N LEU A 332 18.55 -7.04 21.97
CA LEU A 332 19.52 -7.61 22.90
C LEU A 332 20.79 -7.99 22.15
N ILE A 333 20.63 -8.50 20.93
CA ILE A 333 21.78 -8.81 20.08
C ILE A 333 21.87 -7.74 18.99
N ASP A 334 23.01 -7.05 18.92
CA ASP A 334 23.14 -5.94 17.97
C ASP A 334 23.43 -6.41 16.54
N HIS A 335 23.74 -5.44 15.67
CA HIS A 335 23.88 -5.66 14.23
C HIS A 335 25.24 -6.27 13.85
N ARG A 336 26.14 -6.41 14.84
CA ARG A 336 27.42 -7.11 14.66
C ARG A 336 27.43 -8.43 15.42
N PHE A 337 26.25 -8.91 15.81
CA PHE A 337 26.10 -10.14 16.60
C PHE A 337 26.66 -10.04 18.02
N LEU A 338 26.81 -8.81 18.53
CA LEU A 338 27.29 -8.60 19.90
C LEU A 338 26.12 -8.56 20.87
N LEU A 339 26.29 -9.16 22.05
CA LEU A 339 25.32 -8.93 23.13
C LEU A 339 25.42 -7.48 23.53
N ARG A 340 24.32 -6.92 23.99
CA ARG A 340 24.24 -5.50 24.29
C ARG A 340 24.74 -5.17 25.70
N ARG A 341 25.84 -4.43 25.78
CA ARG A 341 26.45 -4.08 27.06
C ARG A 341 26.28 -2.60 27.40
N GLY A 342 26.25 -2.30 28.69
CA GLY A 342 26.40 -0.94 29.18
C GLY A 342 25.14 -0.27 29.67
N GLU A 343 25.27 1.03 29.93
CA GLU A 343 24.19 1.87 30.43
C GLU A 343 23.34 2.37 29.28
N TYR A 344 22.03 2.46 29.52
CA TYR A 344 21.09 2.96 28.51
C TYR A 344 20.05 3.81 29.20
N VAL A 345 19.76 4.97 28.59
CA VAL A 345 18.64 5.81 29.00
C VAL A 345 17.73 5.90 27.78
N LEU A 346 16.58 5.22 27.84
CA LEU A 346 15.71 5.05 26.69
C LEU A 346 14.45 5.85 26.86
N HIS A 347 14.24 6.80 25.94
CA HIS A 347 13.06 7.60 25.92
C HIS A 347 11.95 6.83 25.19
N MET A 348 10.78 6.81 25.81
CA MET A 348 9.77 5.81 25.55
C MET A 348 8.58 6.40 24.84
N TRP A 349 7.85 5.53 24.18
CA TRP A 349 6.65 5.89 23.45
C TRP A 349 5.48 5.80 24.40
N GLN A 350 4.60 6.78 24.32
CA GLN A 350 3.38 6.82 25.09
C GLN A 350 2.33 6.04 24.34
N ILE A 351 1.25 5.67 25.02
CA ILE A 351 0.18 4.86 24.42
C ILE A 351 -1.16 5.59 24.38
N SER A 352 -1.77 5.65 23.19
CA SER A 352 -3.15 6.13 23.04
C SER A 352 -4.13 5.07 23.55
N GLY A 353 -5.18 5.51 24.22
CA GLY A 353 -6.24 4.62 24.71
C GLY A 353 -5.80 3.77 25.90
N PHE A 361 -3.04 -5.50 17.66
CA PHE A 361 -1.78 -4.80 17.93
C PHE A 361 -1.38 -3.90 16.75
N ASN A 362 -0.18 -3.32 16.85
CA ASN A 362 0.23 -2.19 16.03
C ASN A 362 1.73 -2.32 15.76
N ALA A 363 2.14 -2.07 14.53
CA ALA A 363 3.55 -2.20 14.14
C ALA A 363 4.48 -1.27 14.95
N ASP A 364 3.96 -0.11 15.35
CA ASP A 364 4.73 0.84 16.15
C ASP A 364 5.19 0.25 17.49
N LYS A 365 4.42 -0.67 18.06
CA LYS A 365 4.85 -1.35 19.29
C LYS A 365 6.22 -2.01 19.17
N LEU A 366 6.61 -2.39 17.95
CA LEU A 366 7.78 -3.23 17.74
C LEU A 366 9.08 -2.51 17.39
N THR A 367 9.05 -1.18 17.28
CA THR A 367 10.19 -0.42 16.75
C THR A 367 11.41 -0.50 17.67
N SER A 368 12.61 -0.48 17.07
CA SER A 368 13.85 -0.35 17.85
C SER A 368 14.16 1.12 18.13
N ALA A 369 13.35 2.01 17.58
CA ALA A 369 13.57 3.44 17.70
C ALA A 369 13.09 3.96 19.05
N THR A 370 13.89 4.87 19.61
CA THR A 370 13.55 5.55 20.86
C THR A 370 12.84 6.85 20.51
N ASN A 371 12.06 7.37 21.44
CA ASN A 371 11.31 8.60 21.23
C ASN A 371 12.25 9.84 21.14
N PRO A 372 12.21 10.59 20.01
CA PRO A 372 13.08 11.76 19.84
C PRO A 372 12.77 12.93 20.80
N ASP A 373 11.50 13.09 21.13
CA ASP A 373 11.02 14.12 22.07
C ASP A 373 11.62 13.92 23.46
N LYS A 374 12.85 14.41 23.66
CA LYS A 374 13.59 14.20 24.91
C LYS A 374 13.19 15.13 26.07
N GLU A 375 12.09 15.87 25.92
CA GLU A 375 11.66 16.86 26.91
C GLU A 375 10.29 16.54 27.54
N ASN A 376 9.46 15.76 26.85
CA ASN A 376 8.11 15.40 27.34
C ASN A 376 7.91 13.89 27.54
N SER A 377 8.93 13.10 27.23
CA SER A 377 8.77 11.65 27.15
C SER A 377 9.29 10.98 28.40
N MET A 378 8.47 10.07 28.95
CA MET A 378 8.93 9.16 29.98
C MET A 378 10.22 8.53 29.53
N SER A 379 11.18 8.44 30.44
CA SER A 379 12.47 7.85 30.17
C SER A 379 12.57 6.59 31.02
N ILE A 380 13.48 5.68 30.66
CA ILE A 380 13.82 4.54 31.53
C ILE A 380 15.31 4.25 31.45
N SER A 381 15.90 3.96 32.62
CA SER A 381 17.34 3.80 32.73
C SER A 381 17.63 2.39 33.18
N ILE A 382 18.61 1.75 32.55
CA ILE A 382 18.91 0.37 32.80
C ILE A 382 20.40 0.12 32.61
N LEU A 383 20.86 -1.07 33.01
CA LEU A 383 22.25 -1.49 32.80
C LEU A 383 22.31 -2.96 32.39
N LEU A 384 23.24 -3.28 31.51
CA LEU A 384 23.45 -4.64 31.04
C LEU A 384 24.87 -5.16 31.29
N ASP A 385 24.99 -6.10 32.22
CA ASP A 385 26.21 -6.87 32.47
C ASP A 385 27.48 -6.02 32.46
N GLU A 410 7.62 -40.94 7.19
CA GLU A 410 7.09 -42.19 7.73
C GLU A 410 6.32 -41.93 9.01
N MET A 411 5.00 -42.09 8.94
CA MET A 411 4.15 -41.88 10.11
C MET A 411 2.78 -42.54 9.95
N PRO A 412 2.08 -42.79 11.07
CA PRO A 412 0.69 -43.27 11.05
C PRO A 412 -0.18 -42.39 10.18
N ASN A 413 -1.04 -43.01 9.36
CA ASN A 413 -1.96 -42.26 8.54
C ASN A 413 -2.77 -41.28 9.38
N GLN A 414 -3.16 -41.69 10.58
CA GLN A 414 -3.96 -40.82 11.46
C GLN A 414 -3.26 -39.49 11.75
N LEU A 415 -1.93 -39.54 11.89
CA LEU A 415 -1.13 -38.36 12.22
C LEU A 415 -0.82 -37.55 10.98
N ARG A 416 -0.53 -38.23 9.88
CA ARG A 416 -0.33 -37.54 8.61
C ARG A 416 -1.58 -36.73 8.29
N LYS A 417 -2.73 -37.39 8.37
CA LYS A 417 -4.00 -36.70 8.20
C LYS A 417 -4.18 -35.59 9.24
N GLN A 418 -3.64 -35.76 10.44
CA GLN A 418 -3.73 -34.72 11.45
C GLN A 418 -2.79 -33.57 11.10
N LEU A 419 -1.65 -33.91 10.48
CA LEU A 419 -0.68 -32.92 10.02
C LEU A 419 -1.19 -32.15 8.81
N GLU A 420 -1.76 -32.86 7.84
CA GLU A 420 -2.32 -32.24 6.64
C GLU A 420 -3.53 -31.32 6.94
N ALA A 421 -4.34 -31.69 7.93
CA ALA A 421 -5.49 -30.88 8.30
C ALA A 421 -5.06 -29.56 8.97
N ILE A 422 -3.83 -29.54 9.46
CA ILE A 422 -3.26 -28.37 10.15
C ILE A 422 -2.62 -27.45 9.13
N ILE A 423 -1.83 -28.06 8.24
CA ILE A 423 -1.19 -27.35 7.16
C ILE A 423 -2.21 -26.69 6.24
N ALA A 424 -3.43 -27.21 6.20
CA ALA A 424 -4.48 -26.69 5.30
C ALA A 424 -5.37 -25.60 5.92
N THR A 425 -5.14 -25.24 7.18
CA THR A 425 -5.91 -24.17 7.83
C THR A 425 -5.39 -22.77 7.46
N ASP A 426 -6.28 -21.79 7.49
CA ASP A 426 -5.94 -20.39 7.19
C ASP A 426 -4.87 -19.85 8.16
N PRO A 427 -4.26 -18.70 7.82
CA PRO A 427 -3.22 -18.13 8.69
C PRO A 427 -3.71 -17.61 10.06
N LEU A 428 -5.00 -17.28 10.17
CA LEU A 428 -5.56 -16.79 11.43
C LEU A 428 -6.01 -17.91 12.36
N ASN A 429 -6.02 -19.15 11.86
CA ASN A 429 -6.30 -20.29 12.71
C ASN A 429 -5.09 -20.53 13.62
N PRO A 430 -5.31 -20.49 14.95
CA PRO A 430 -4.15 -20.62 15.85
C PRO A 430 -3.60 -22.03 15.88
N LEU A 431 -2.40 -22.17 16.42
CA LEU A 431 -1.79 -23.46 16.62
C LEU A 431 -1.81 -23.73 18.12
N THR A 432 -2.32 -24.91 18.49
CA THR A 432 -2.26 -25.36 19.87
C THR A 432 -0.88 -25.92 20.14
N ALA A 433 -0.58 -26.13 21.42
CA ALA A 433 0.65 -26.80 21.80
C ALA A 433 0.78 -28.14 21.06
N GLU A 434 -0.33 -28.86 20.96
CA GLU A 434 -0.33 -30.18 20.31
C GLU A 434 0.07 -30.05 18.83
N ASP A 435 -0.54 -29.09 18.14
CA ASP A 435 -0.24 -28.84 16.73
C ASP A 435 1.25 -28.57 16.52
N LYS A 436 1.85 -27.72 17.36
CA LYS A 436 3.24 -27.30 17.17
C LYS A 436 4.24 -28.43 17.36
N GLU A 437 3.98 -29.30 18.34
CA GLU A 437 4.88 -30.42 18.61
C GLU A 437 4.88 -31.43 17.46
N LEU A 438 3.72 -31.59 16.80
CA LEU A 438 3.61 -32.44 15.61
C LEU A 438 4.39 -31.86 14.43
N LEU A 439 4.15 -30.59 14.13
CA LEU A 439 4.84 -29.88 13.04
C LEU A 439 6.35 -29.99 13.21
N TRP A 440 6.81 -29.83 14.45
CA TRP A 440 8.24 -29.87 14.73
C TRP A 440 8.78 -31.29 14.64
N HIS A 441 8.14 -32.23 15.34
CA HIS A 441 8.65 -33.59 15.33
C HIS A 441 8.73 -34.13 13.90
N PHE A 442 7.69 -33.89 13.11
CA PHE A 442 7.71 -34.21 11.68
C PHE A 442 8.08 -32.98 10.83
N ARG A 443 9.14 -32.28 11.23
CA ARG A 443 9.60 -31.11 10.51
C ARG A 443 10.04 -31.42 9.07
N TYR A 444 10.67 -32.58 8.85
CA TYR A 444 11.16 -32.91 7.51
C TYR A 444 10.05 -33.30 6.55
N GLU A 445 8.97 -33.87 7.06
CA GLU A 445 7.75 -34.04 6.26
C GLU A 445 7.02 -32.72 6.08
N SER A 446 7.08 -31.85 7.08
CA SER A 446 6.51 -30.52 6.96
C SER A 446 7.30 -29.68 5.94
N LEU A 447 8.59 -29.93 5.80
CA LEU A 447 9.43 -29.18 4.86
C LEU A 447 9.13 -29.43 3.38
N LYS A 448 8.38 -30.48 3.07
CA LYS A 448 8.00 -30.79 1.69
C LYS A 448 6.78 -29.99 1.23
N HIS A 449 6.15 -29.27 2.16
CA HIS A 449 4.95 -28.50 1.84
C HIS A 449 5.15 -27.00 2.10
N PRO A 450 5.46 -26.23 1.04
CA PRO A 450 5.63 -24.79 1.19
C PRO A 450 4.48 -24.10 1.94
N LYS A 451 3.24 -24.42 1.58
CA LYS A 451 2.06 -23.96 2.34
C LYS A 451 2.26 -23.99 3.86
N ALA A 452 3.11 -24.90 4.33
CA ALA A 452 3.27 -25.20 5.76
C ALA A 452 4.42 -24.50 6.47
N TYR A 453 5.21 -23.70 5.75
CA TYR A 453 6.39 -23.12 6.34
C TYR A 453 6.07 -22.13 7.48
N PRO A 454 5.09 -21.22 7.26
CA PRO A 454 4.68 -20.31 8.32
C PRO A 454 4.28 -20.99 9.62
N LYS A 455 3.51 -22.07 9.53
CA LYS A 455 3.07 -22.77 10.74
C LYS A 455 4.23 -23.55 11.33
N LEU A 456 5.09 -24.06 10.45
CA LEU A 456 6.24 -24.85 10.88
C LEU A 456 7.22 -23.98 11.64
N PHE A 457 7.52 -22.81 11.10
CA PHE A 457 8.44 -21.89 11.78
C PHE A 457 7.84 -21.16 12.97
N SER A 458 6.50 -21.16 13.08
CA SER A 458 5.82 -20.70 14.30
C SER A 458 5.83 -21.77 15.38
N SER A 459 6.39 -22.94 15.08
CA SER A 459 6.40 -24.06 16.02
C SER A 459 7.78 -24.28 16.61
N VAL A 460 8.75 -23.50 16.17
CA VAL A 460 10.08 -23.57 16.72
C VAL A 460 10.11 -22.80 18.04
N LYS A 461 10.86 -23.34 19.00
CA LYS A 461 11.13 -22.64 20.24
C LYS A 461 12.40 -21.84 20.00
N TRP A 462 12.23 -20.57 19.66
CA TRP A 462 13.34 -19.72 19.28
C TRP A 462 14.21 -19.38 20.49
N GLY A 463 13.62 -19.45 21.68
CA GLY A 463 14.37 -19.23 22.92
C GLY A 463 15.25 -20.39 23.35
N GLN A 464 15.60 -21.27 22.42
CA GLN A 464 16.40 -22.45 22.71
C GLN A 464 17.47 -22.64 21.63
N GLN A 465 18.70 -22.27 21.94
CA GLN A 465 19.80 -22.24 20.97
C GLN A 465 19.96 -23.52 20.15
N GLU A 466 19.69 -24.66 20.77
CA GLU A 466 19.88 -25.97 20.16
C GLU A 466 18.81 -26.24 19.09
N ILE A 467 17.58 -25.82 19.37
CA ILE A 467 16.48 -25.94 18.41
C ILE A 467 16.69 -25.03 17.19
N VAL A 468 17.13 -23.81 17.45
CA VAL A 468 17.41 -22.85 16.38
C VAL A 468 18.44 -23.42 15.44
N ALA A 469 19.43 -24.11 16.00
CA ALA A 469 20.45 -24.82 15.22
C ALA A 469 19.80 -25.85 14.31
N LYS A 470 18.90 -26.65 14.88
CA LYS A 470 18.17 -27.67 14.11
C LYS A 470 17.26 -27.03 13.06
N THR A 471 16.76 -25.83 13.36
CA THR A 471 15.95 -25.08 12.40
C THR A 471 16.79 -24.60 11.21
N TYR A 472 18.06 -24.27 11.46
CA TYR A 472 18.96 -23.79 10.40
C TYR A 472 19.46 -24.90 9.48
N GLN A 473 19.81 -26.06 10.05
CA GLN A 473 20.15 -27.21 9.23
C GLN A 473 18.91 -27.63 8.43
N LEU A 474 17.73 -27.48 9.03
CA LEU A 474 16.47 -27.72 8.34
C LEU A 474 16.26 -26.74 7.18
N LEU A 475 16.69 -25.49 7.37
CA LEU A 475 16.65 -24.47 6.31
C LEU A 475 17.66 -24.74 5.20
N ALA A 476 18.69 -25.53 5.49
CA ALA A 476 19.66 -25.94 4.48
C ALA A 476 19.09 -26.96 3.48
N ARG A 477 18.10 -27.74 3.92
CA ARG A 477 17.52 -28.80 3.07
C ARG A 477 16.23 -28.34 2.38
N ARG A 478 16.15 -27.06 2.00
CA ARG A 478 14.92 -26.47 1.46
C ARG A 478 14.86 -26.50 -0.08
N GLU A 479 15.29 -27.62 -0.66
CA GLU A 479 15.21 -27.80 -2.12
C GLU A 479 13.79 -27.54 -2.65
N VAL A 480 12.77 -28.05 -1.95
CA VAL A 480 11.38 -27.97 -2.42
C VAL A 480 10.81 -26.55 -2.41
N TRP A 481 11.11 -25.82 -1.34
CA TRP A 481 10.73 -24.40 -1.25
C TRP A 481 11.27 -23.62 -2.46
N ASP A 482 12.57 -23.79 -2.75
CA ASP A 482 13.24 -23.08 -3.85
C ASP A 482 12.62 -23.36 -5.22
N GLN A 483 12.33 -24.63 -5.49
CA GLN A 483 11.79 -25.02 -6.80
C GLN A 483 10.35 -24.59 -6.99
N SER A 484 9.54 -24.66 -5.93
CA SER A 484 8.12 -24.35 -6.00
C SER A 484 7.86 -22.97 -6.60
N ALA A 485 6.68 -22.82 -7.21
CA ALA A 485 6.28 -21.55 -7.80
C ALA A 485 6.01 -20.53 -6.69
N LEU A 486 6.44 -19.29 -6.93
CA LEU A 486 6.19 -18.18 -6.01
C LEU A 486 4.72 -18.06 -5.64
N ASP A 487 4.46 -18.07 -4.34
CA ASP A 487 3.17 -17.71 -3.79
C ASP A 487 3.41 -16.47 -2.95
N VAL A 488 2.85 -15.34 -3.36
CA VAL A 488 3.09 -14.10 -2.63
C VAL A 488 2.38 -14.14 -1.27
N GLY A 489 1.18 -14.69 -1.23
CA GLY A 489 0.47 -14.90 0.03
C GLY A 489 1.31 -15.58 1.09
N LEU A 490 1.92 -16.69 0.72
CA LEU A 490 2.79 -17.47 1.61
C LEU A 490 4.07 -16.69 1.90
N THR A 491 4.58 -16.02 0.89
CA THR A 491 5.81 -15.23 1.03
C THR A 491 5.61 -14.04 1.99
N MET A 492 4.56 -13.28 1.74
CA MET A 492 4.16 -12.19 2.62
C MET A 492 4.04 -12.65 4.08
N GLN A 493 3.49 -13.84 4.28
CA GLN A 493 3.25 -14.36 5.61
C GLN A 493 4.51 -14.58 6.44
N LEU A 494 5.60 -14.95 5.80
CA LEU A 494 6.88 -15.13 6.49
C LEU A 494 7.60 -13.79 6.75
N LEU A 495 7.05 -12.70 6.23
CA LEU A 495 7.60 -11.36 6.43
C LEU A 495 6.73 -10.50 7.36
N ASP A 496 5.74 -11.10 8.03
CA ASP A 496 4.88 -10.34 8.91
C ASP A 496 5.43 -10.34 10.33
N CYS A 497 4.67 -9.83 11.27
CA CYS A 497 5.17 -9.59 12.62
C CYS A 497 5.55 -10.86 13.38
N ASN A 498 5.03 -12.00 12.96
CA ASN A 498 5.27 -13.28 13.64
C ASN A 498 6.59 -13.96 13.34
N PHE A 499 7.46 -13.36 12.52
CA PHE A 499 8.74 -14.00 12.20
C PHE A 499 9.87 -13.00 12.30
N SER A 500 10.74 -13.21 13.27
CA SER A 500 11.81 -12.28 13.57
C SER A 500 13.18 -12.85 13.19
N ASP A 501 13.23 -14.12 12.80
CA ASP A 501 14.48 -14.72 12.39
C ASP A 501 14.79 -14.31 10.96
N GLU A 502 15.98 -13.79 10.75
CA GLU A 502 16.39 -13.25 9.45
C GLU A 502 16.56 -14.33 8.38
N ASN A 503 17.01 -15.51 8.77
CA ASN A 503 17.18 -16.60 7.81
C ASN A 503 15.83 -17.08 7.31
N VAL A 504 14.88 -17.25 8.23
CA VAL A 504 13.49 -17.57 7.83
C VAL A 504 13.00 -16.51 6.85
N ARG A 505 13.20 -15.24 7.18
CA ARG A 505 12.70 -14.16 6.35
C ARG A 505 13.44 -14.08 5.03
N ALA A 506 14.71 -14.48 5.03
CA ALA A 506 15.53 -14.45 3.81
C ALA A 506 14.90 -15.29 2.72
N ILE A 507 14.33 -16.41 3.12
CA ILE A 507 13.75 -17.31 2.16
C ILE A 507 12.54 -16.64 1.49
N ALA A 508 11.82 -15.79 2.23
CA ALA A 508 10.68 -15.08 1.68
C ALA A 508 11.16 -14.14 0.61
N VAL A 509 12.09 -13.26 0.98
CA VAL A 509 12.66 -12.27 0.08
C VAL A 509 13.33 -12.96 -1.10
N GLN A 510 13.91 -14.12 -0.85
CA GLN A 510 14.42 -14.95 -1.94
C GLN A 510 13.33 -15.17 -2.98
N LYS A 511 12.15 -15.57 -2.54
CA LYS A 511 11.09 -15.87 -3.48
C LYS A 511 10.57 -14.63 -4.20
N LEU A 512 10.68 -13.47 -3.56
CA LEU A 512 10.30 -12.21 -4.20
C LEU A 512 11.24 -11.84 -5.32
N GLU A 513 12.46 -12.38 -5.34
CA GLU A 513 13.44 -12.07 -6.39
C GLU A 513 12.90 -12.43 -7.77
N SER A 514 12.01 -13.41 -7.82
CA SER A 514 11.42 -13.90 -9.06
C SER A 514 10.41 -12.95 -9.68
N LEU A 515 9.94 -11.95 -8.92
CA LEU A 515 8.87 -11.08 -9.41
C LEU A 515 9.36 -10.14 -10.51
N GLU A 516 8.62 -10.11 -11.62
CA GLU A 516 8.80 -9.06 -12.63
C GLU A 516 8.27 -7.73 -12.06
N ASP A 517 8.75 -6.63 -12.62
CA ASP A 517 8.42 -5.30 -12.13
C ASP A 517 6.92 -5.07 -11.95
N ASP A 518 6.13 -5.46 -12.94
CA ASP A 518 4.69 -5.30 -12.90
C ASP A 518 4.08 -5.81 -11.59
N ASP A 519 4.56 -6.94 -11.11
CA ASP A 519 4.04 -7.52 -9.87
C ASP A 519 4.66 -6.83 -8.65
N VAL A 520 5.95 -6.50 -8.73
CA VAL A 520 6.58 -5.74 -7.66
C VAL A 520 5.75 -4.49 -7.38
N LEU A 521 5.32 -3.82 -8.45
CA LEU A 521 4.41 -2.66 -8.36
C LEU A 521 3.08 -2.94 -7.66
N HIS A 522 2.51 -4.13 -7.82
CA HIS A 522 1.26 -4.47 -7.13
C HIS A 522 1.45 -4.58 -5.63
N TYR A 523 2.56 -5.19 -5.20
CA TYR A 523 2.76 -5.51 -3.80
C TYR A 523 3.67 -4.52 -3.10
N LEU A 524 4.05 -3.45 -3.80
CA LEU A 524 5.12 -2.59 -3.36
C LEU A 524 4.76 -1.92 -2.06
N LEU A 525 3.63 -1.22 -2.07
CA LEU A 525 3.12 -0.53 -0.89
C LEU A 525 3.23 -1.36 0.39
N GLN A 526 2.84 -2.62 0.33
CA GLN A 526 2.85 -3.47 1.53
C GLN A 526 4.20 -4.15 1.77
N LEU A 527 5.04 -4.24 0.75
CA LEU A 527 6.44 -4.62 0.99
C LEU A 527 7.17 -3.52 1.79
N VAL A 528 7.05 -2.26 1.36
CA VAL A 528 7.60 -1.14 2.14
C VAL A 528 7.07 -1.10 3.57
N GLN A 529 5.77 -1.29 3.73
CA GLN A 529 5.19 -1.34 5.08
C GLN A 529 5.74 -2.52 5.88
N ALA A 530 6.06 -3.61 5.20
CA ALA A 530 6.55 -4.81 5.86
C ALA A 530 7.91 -4.58 6.49
N VAL A 531 8.63 -3.56 6.04
CA VAL A 531 9.93 -3.22 6.63
C VAL A 531 9.78 -2.89 8.11
N LYS A 532 8.61 -2.40 8.49
CA LYS A 532 8.29 -2.17 9.88
C LYS A 532 8.40 -3.41 10.76
N PHE A 533 8.29 -4.61 10.18
CA PHE A 533 8.38 -5.86 10.94
C PHE A 533 9.79 -6.40 10.98
N GLU A 534 10.69 -5.80 10.19
CA GLU A 534 12.11 -6.19 10.28
C GLU A 534 12.70 -5.83 11.65
N PRO A 535 13.36 -6.78 12.29
CA PRO A 535 14.07 -6.43 13.53
C PRO A 535 15.19 -5.39 13.33
N TYR A 536 15.98 -5.54 12.27
CA TYR A 536 17.12 -4.63 11.98
C TYR A 536 16.87 -3.66 10.82
N HIS A 537 17.52 -2.50 10.91
CA HIS A 537 17.42 -1.47 9.89
C HIS A 537 17.96 -1.95 8.54
N ASP A 538 18.91 -2.87 8.57
CA ASP A 538 19.47 -3.41 7.34
C ASP A 538 19.02 -4.86 7.21
N SER A 539 18.32 -5.17 6.11
CA SER A 539 17.72 -6.49 5.91
C SER A 539 17.63 -6.87 4.44
N ALA A 540 17.38 -8.15 4.19
CA ALA A 540 17.17 -8.65 2.83
C ALA A 540 16.09 -7.84 2.13
N LEU A 541 15.01 -7.53 2.86
CA LEU A 541 13.84 -6.90 2.26
C LEU A 541 14.14 -5.46 1.91
N ALA A 542 14.73 -4.74 2.85
CA ALA A 542 15.10 -3.35 2.62
C ALA A 542 16.04 -3.22 1.42
N ARG A 543 16.98 -4.15 1.31
CA ARG A 543 17.91 -4.16 0.18
C ARG A 543 17.17 -4.54 -1.10
N PHE A 544 16.30 -5.54 -1.02
CA PHE A 544 15.46 -5.89 -2.16
C PHE A 544 14.70 -4.67 -2.67
N LEU A 545 14.05 -3.94 -1.78
CA LEU A 545 13.30 -2.77 -2.21
C LEU A 545 14.23 -1.79 -2.91
N LEU A 546 15.41 -1.58 -2.33
CA LEU A 546 16.42 -0.70 -2.90
C LEU A 546 16.82 -1.10 -4.31
N LYS A 547 17.15 -2.38 -4.52
CA LYS A 547 17.57 -2.82 -5.85
C LYS A 547 16.50 -2.56 -6.90
N ARG A 548 15.27 -2.99 -6.61
CA ARG A 548 14.20 -2.92 -7.60
C ARG A 548 13.84 -1.46 -7.87
N GLY A 549 13.98 -0.61 -6.86
CA GLY A 549 13.80 0.83 -7.04
C GLY A 549 14.86 1.40 -7.96
N LEU A 550 16.10 1.02 -7.73
CA LEU A 550 17.21 1.46 -8.56
C LEU A 550 17.14 0.87 -9.96
N ARG A 551 16.58 -0.33 -10.08
CA ARG A 551 16.56 -1.02 -11.37
C ARG A 551 15.55 -0.44 -12.35
N ASN A 552 14.48 0.16 -11.83
CA ASN A 552 13.30 0.57 -12.62
C ASN A 552 12.74 1.89 -12.09
N LYS A 553 12.61 2.87 -12.97
CA LYS A 553 12.24 4.22 -12.56
C LYS A 553 10.82 4.30 -12.03
N ARG A 554 9.95 3.40 -12.47
CA ARG A 554 8.55 3.43 -12.03
C ARG A 554 8.47 2.91 -10.59
N ILE A 555 9.05 1.75 -10.36
CA ILE A 555 9.19 1.24 -9.00
C ILE A 555 9.85 2.32 -8.14
N GLY A 556 10.99 2.84 -8.62
CA GLY A 556 11.72 3.90 -7.91
C GLY A 556 10.86 5.09 -7.52
N HIS A 557 10.03 5.56 -8.46
CA HIS A 557 9.15 6.71 -8.22
C HIS A 557 8.21 6.48 -7.05
N PHE A 558 7.58 5.31 -7.04
CA PHE A 558 6.60 5.00 -6.01
C PHE A 558 7.27 4.63 -4.68
N LEU A 559 8.43 4.00 -4.75
CA LEU A 559 9.26 3.77 -3.58
C LEU A 559 9.52 5.08 -2.86
N PHE A 560 9.96 6.08 -3.62
CA PHE A 560 10.27 7.40 -3.06
C PHE A 560 9.09 7.87 -2.25
N TRP A 561 7.90 7.89 -2.87
CA TRP A 561 6.72 8.45 -2.21
C TRP A 561 6.21 7.59 -1.07
N PHE A 562 6.34 6.27 -1.16
CA PHE A 562 5.85 5.42 -0.07
C PHE A 562 6.74 5.60 1.15
N LEU A 563 8.05 5.57 0.93
CA LEU A 563 9.00 5.86 2.00
C LEU A 563 8.77 7.26 2.56
N ARG A 564 8.66 8.24 1.69
CA ARG A 564 8.51 9.63 2.15
C ARG A 564 7.21 9.80 2.92
N SER A 565 6.18 9.06 2.52
CA SER A 565 4.92 9.04 3.25
C SER A 565 5.09 8.71 4.72
N GLU A 566 5.86 7.65 4.98
CA GLU A 566 6.11 7.20 6.36
C GLU A 566 7.08 8.10 7.10
N ILE A 567 8.10 8.60 6.41
CA ILE A 567 9.11 9.43 7.05
C ILE A 567 8.47 10.67 7.64
N ALA A 568 7.48 11.21 6.94
CA ALA A 568 6.79 12.43 7.33
C ALA A 568 5.81 12.26 8.49
N GLN A 569 5.32 11.04 8.75
CA GLN A 569 4.28 10.88 9.78
C GLN A 569 4.48 9.75 10.79
N SER A 570 5.64 9.08 10.76
CA SER A 570 5.97 8.06 11.73
C SER A 570 7.27 8.42 12.47
N ARG A 571 7.15 8.90 13.71
CA ARG A 571 8.34 9.01 14.57
C ARG A 571 8.94 7.61 14.78
N HIS A 572 8.06 6.63 14.96
CA HIS A 572 8.45 5.24 15.22
C HIS A 572 9.38 4.63 14.16
N TYR A 573 9.21 5.04 12.90
CA TYR A 573 9.98 4.43 11.80
C TYR A 573 10.68 5.42 10.84
N GLN A 574 10.46 6.73 11.00
CA GLN A 574 11.08 7.70 10.11
C GLN A 574 12.57 7.50 9.88
N GLN A 575 13.31 7.21 10.94
CA GLN A 575 14.77 7.10 10.80
C GLN A 575 15.13 5.97 9.87
N ARG A 576 14.56 4.80 10.14
CA ARG A 576 14.88 3.61 9.38
C ARG A 576 14.57 3.82 7.90
N PHE A 577 13.38 4.32 7.62
CA PHE A 577 12.99 4.52 6.25
C PHE A 577 13.87 5.59 5.61
N ALA A 578 14.23 6.62 6.37
CA ALA A 578 15.11 7.69 5.86
C ALA A 578 16.41 7.11 5.30
N VAL A 579 17.00 6.16 6.00
CA VAL A 579 18.22 5.53 5.51
C VAL A 579 18.00 4.77 4.20
N ILE A 580 16.84 4.13 4.07
CA ILE A 580 16.51 3.40 2.85
C ILE A 580 16.25 4.36 1.68
N LEU A 581 15.58 5.49 1.97
CA LEU A 581 15.29 6.48 0.92
C LEU A 581 16.57 7.14 0.45
N GLU A 582 17.39 7.59 1.40
CA GLU A 582 18.69 8.19 1.08
C GLU A 582 19.45 7.28 0.16
N ALA A 583 19.61 6.02 0.59
CA ALA A 583 20.33 5.07 -0.22
C ALA A 583 19.78 5.08 -1.65
N TYR A 584 18.46 5.04 -1.82
CA TYR A 584 17.87 5.01 -3.14
C TYR A 584 18.16 6.29 -3.92
N LEU A 585 17.92 7.43 -3.29
CA LEU A 585 18.19 8.73 -3.91
C LEU A 585 19.64 8.92 -4.41
N ARG A 586 20.58 8.23 -3.78
CA ARG A 586 21.98 8.35 -4.17
C ARG A 586 22.33 7.50 -5.39
N GLY A 587 21.35 6.79 -5.95
CA GLY A 587 21.59 5.98 -7.14
C GLY A 587 20.57 6.10 -8.26
N CYS A 588 19.60 7.00 -8.13
CA CYS A 588 18.52 7.08 -9.12
C CYS A 588 18.92 7.92 -10.32
N GLY A 589 19.84 8.88 -10.08
CA GLY A 589 20.39 9.73 -11.13
C GLY A 589 20.04 11.18 -10.90
N THR A 590 20.68 12.05 -11.65
CA THR A 590 20.47 13.49 -11.52
C THR A 590 19.07 13.91 -11.98
N ALA A 591 18.58 13.26 -13.05
CA ALA A 591 17.27 13.56 -13.63
C ALA A 591 16.15 13.37 -12.62
N MET A 592 16.13 12.19 -12.00
CA MET A 592 15.06 11.88 -11.04
C MET A 592 15.19 12.74 -9.80
N LEU A 593 16.43 12.93 -9.34
CA LEU A 593 16.68 13.87 -8.25
C LEU A 593 16.04 15.20 -8.59
N HIS A 594 16.13 15.57 -9.86
CA HIS A 594 15.52 16.80 -10.37
C HIS A 594 13.99 16.71 -10.36
N ASP A 595 13.41 15.61 -10.86
CA ASP A 595 11.95 15.44 -10.81
C ASP A 595 11.43 15.48 -9.38
N PHE A 596 12.01 14.63 -8.52
CA PHE A 596 11.57 14.57 -7.12
C PHE A 596 11.65 15.94 -6.46
N THR A 597 12.72 16.67 -6.71
CA THR A 597 12.87 18.01 -6.14
C THR A 597 11.74 18.90 -6.62
N GLN A 598 11.49 18.88 -7.92
CA GLN A 598 10.36 19.61 -8.51
C GLN A 598 9.02 19.21 -7.89
N GLN A 599 8.79 17.91 -7.74
CA GLN A 599 7.53 17.45 -7.18
C GLN A 599 7.42 17.86 -5.72
N VAL A 600 8.52 17.74 -4.98
CA VAL A 600 8.50 18.10 -3.57
C VAL A 600 8.20 19.58 -3.41
N GLN A 601 8.82 20.41 -4.24
CA GLN A 601 8.53 21.85 -4.23
C GLN A 601 7.07 22.12 -4.46
N VAL A 602 6.45 21.46 -5.44
CA VAL A 602 5.04 21.69 -5.70
C VAL A 602 4.17 21.29 -4.50
N ILE A 603 4.29 20.07 -4.00
CA ILE A 603 3.33 19.62 -2.96
C ILE A 603 3.54 20.39 -1.65
N GLU A 604 4.79 20.76 -1.35
CA GLU A 604 5.08 21.66 -0.23
C GLU A 604 4.41 23.03 -0.46
N MET A 605 4.62 23.58 -1.64
CA MET A 605 3.99 24.82 -2.04
C MET A 605 2.46 24.78 -1.89
N LEU A 606 1.85 23.67 -2.29
CA LEU A 606 0.39 23.56 -2.29
C LEU A 606 -0.22 23.13 -0.95
N GLN A 607 0.55 22.44 -0.11
CA GLN A 607 0.07 22.09 1.23
C GLN A 607 -0.15 23.35 2.07
N LYS A 608 0.66 24.38 1.84
CA LYS A 608 0.53 25.65 2.57
C LYS A 608 -0.87 26.19 2.37
N VAL A 609 -1.28 26.25 1.10
CA VAL A 609 -2.57 26.82 0.73
C VAL A 609 -3.71 26.01 1.32
N THR A 610 -3.57 24.68 1.29
CA THR A 610 -4.60 23.80 1.80
C THR A 610 -4.89 24.06 3.28
N LEU A 611 -3.83 24.24 4.07
CA LEU A 611 -3.97 24.48 5.51
C LEU A 611 -4.44 25.91 5.79
N ASP A 612 -3.86 26.88 5.09
CA ASP A 612 -4.26 28.28 5.23
C ASP A 612 -5.75 28.42 4.95
N ILE A 613 -6.18 27.96 3.78
CA ILE A 613 -7.59 28.02 3.38
C ILE A 613 -8.52 27.33 4.39
N LYS A 614 -8.07 26.22 4.96
CA LYS A 614 -8.87 25.49 5.94
C LYS A 614 -9.10 26.34 7.20
N SER A 615 -8.06 27.04 7.66
CA SER A 615 -8.16 27.91 8.84
C SER A 615 -9.18 29.04 8.67
N LEU A 616 -9.30 29.58 7.45
CA LEU A 616 -10.13 30.74 7.18
C LEU A 616 -11.64 30.44 7.01
N SER A 617 -12.06 29.20 7.28
CA SER A 617 -13.49 28.85 7.20
C SER A 617 -13.84 27.60 8.02
N ALA A 618 -14.81 27.71 8.93
CA ALA A 618 -15.25 26.57 9.75
C ALA A 618 -16.16 25.62 8.97
N ASP A 622 -20.45 26.55 5.51
CA ASP A 622 -20.34 26.55 4.05
C ASP A 622 -19.25 27.51 3.55
N VAL A 623 -19.00 27.49 2.24
CA VAL A 623 -17.93 28.30 1.64
C VAL A 623 -18.32 29.77 1.49
N SER A 624 -17.36 30.66 1.74
CA SER A 624 -17.59 32.11 1.68
C SER A 624 -16.99 32.71 0.41
N SER A 625 -17.48 33.88 0.04
CA SER A 625 -16.99 34.60 -1.14
C SER A 625 -15.57 35.16 -0.95
N GLN A 626 -15.23 35.53 0.28
CA GLN A 626 -13.88 36.02 0.62
C GLN A 626 -12.82 34.92 0.52
N VAL A 627 -13.19 33.70 0.90
CA VAL A 627 -12.30 32.55 0.79
C VAL A 627 -12.09 32.14 -0.67
N ILE A 628 -13.16 32.19 -1.47
CA ILE A 628 -13.10 31.81 -2.89
C ILE A 628 -12.12 32.68 -3.69
N SER A 629 -12.05 33.96 -3.35
CA SER A 629 -11.10 34.89 -3.96
C SER A 629 -9.74 34.74 -3.32
N GLN A 630 -9.72 34.45 -2.01
CA GLN A 630 -8.49 34.18 -1.29
C GLN A 630 -7.70 33.08 -1.99
N LEU A 631 -8.38 31.99 -2.35
CA LEU A 631 -7.77 30.90 -3.13
C LEU A 631 -7.33 31.41 -4.49
N LYS A 632 -8.24 32.07 -5.20
CA LYS A 632 -7.95 32.66 -6.50
C LYS A 632 -6.65 33.44 -6.42
N GLN A 633 -6.59 34.37 -5.48
CA GLN A 633 -5.40 35.22 -5.32
C GLN A 633 -4.16 34.40 -4.91
N LYS A 634 -4.29 33.61 -3.85
CA LYS A 634 -3.14 32.86 -3.34
C LYS A 634 -2.59 31.91 -4.40
N LEU A 635 -3.48 31.24 -5.13
CA LEU A 635 -3.07 30.35 -6.21
C LEU A 635 -2.55 31.14 -7.41
N GLU A 636 -3.10 32.34 -7.63
CA GLU A 636 -2.58 33.26 -8.67
C GLU A 636 -1.14 33.67 -8.35
N ASN A 637 -0.86 33.88 -7.07
CA ASN A 637 0.50 34.20 -6.62
C ASN A 637 1.49 33.07 -6.90
N LEU A 638 1.24 31.90 -6.31
CA LEU A 638 2.16 30.77 -6.42
C LEU A 638 2.66 30.55 -7.85
N GLN A 639 1.75 30.72 -8.82
CA GLN A 639 2.07 30.53 -10.24
C GLN A 639 3.10 31.52 -10.80
N ASN A 640 3.04 32.78 -10.37
CA ASN A 640 3.85 33.86 -10.96
C ASN A 640 5.27 33.49 -11.40
N SER A 641 6.03 32.88 -10.50
CA SER A 641 7.40 32.45 -10.81
C SER A 641 7.96 31.37 -9.86
N GLN A 642 7.30 31.15 -8.73
CA GLN A 642 7.84 30.31 -7.65
C GLN A 642 7.60 28.82 -7.91
N LEU A 643 6.36 28.48 -8.28
CA LEU A 643 5.98 27.12 -8.66
C LEU A 643 6.74 26.70 -9.91
N PRO A 644 7.36 25.49 -9.90
CA PRO A 644 8.07 25.05 -11.10
C PRO A 644 7.20 25.01 -12.36
N GLU A 645 7.86 25.05 -13.51
CA GLU A 645 7.19 25.08 -14.81
C GLU A 645 6.23 23.91 -14.95
N SER A 646 6.77 22.71 -14.73
CA SER A 646 6.00 21.47 -14.76
C SER A 646 6.51 20.50 -13.70
N PHE A 647 5.76 19.42 -13.50
CA PHE A 647 6.14 18.39 -12.54
C PHE A 647 5.39 17.10 -12.81
N ARG A 648 5.99 15.97 -12.41
CA ARG A 648 5.32 14.67 -12.49
C ARG A 648 4.21 14.58 -11.48
N VAL A 649 3.07 14.08 -11.92
CA VAL A 649 1.96 13.81 -11.03
C VAL A 649 2.39 12.59 -10.22
N PRO A 650 2.51 12.74 -8.89
CA PRO A 650 3.04 11.65 -8.07
C PRO A 650 2.27 10.32 -8.11
N TYR A 651 0.99 10.30 -8.44
CA TYR A 651 0.23 9.04 -8.54
C TYR A 651 0.18 8.50 -9.98
N ASP A 652 0.72 9.27 -10.93
CA ASP A 652 0.74 8.88 -12.33
C ASP A 652 2.00 9.50 -12.95
N PRO A 653 3.16 8.89 -12.65
CA PRO A 653 4.46 9.50 -12.97
C PRO A 653 4.77 9.64 -14.48
N GLY A 654 3.97 9.00 -15.33
CA GLY A 654 4.09 9.19 -16.77
C GLY A 654 3.41 10.46 -17.24
N LEU A 655 2.71 11.13 -16.33
CA LEU A 655 1.92 12.32 -16.64
C LEU A 655 2.59 13.54 -16.00
N LYS A 656 2.83 14.58 -16.81
CA LYS A 656 3.46 15.80 -16.33
C LYS A 656 2.46 16.94 -16.32
N ALA A 657 2.12 17.42 -15.13
CA ALA A 657 1.25 18.59 -14.96
C ALA A 657 2.04 19.83 -15.31
N GLY A 658 1.37 20.77 -15.95
CA GLY A 658 1.97 22.05 -16.32
C GLY A 658 1.40 23.16 -15.48
N ALA A 659 0.88 24.18 -16.14
CA ALA A 659 0.37 25.37 -15.48
C ALA A 659 -0.97 25.07 -14.82
N LEU A 660 -1.28 25.82 -13.77
CA LEU A 660 -2.59 25.74 -13.14
C LEU A 660 -3.68 26.30 -14.07
N ALA A 661 -4.86 25.70 -13.99
CA ALA A 661 -6.06 26.27 -14.59
C ALA A 661 -6.81 26.98 -13.47
N ILE A 662 -6.30 28.14 -13.06
CA ILE A 662 -6.87 28.90 -11.94
C ILE A 662 -8.39 29.05 -12.05
N GLU A 663 -8.89 29.24 -13.26
CA GLU A 663 -10.33 29.33 -13.53
C GLU A 663 -11.11 28.18 -12.88
N LYS A 664 -10.56 26.97 -12.95
CA LYS A 664 -11.28 25.74 -12.58
C LYS A 664 -11.10 25.34 -11.12
N CYS A 665 -10.08 25.89 -10.47
CA CYS A 665 -9.78 25.59 -9.07
C CYS A 665 -10.77 26.22 -8.10
N LYS A 666 -11.11 25.50 -7.04
CA LYS A 666 -11.97 26.02 -5.99
C LYS A 666 -11.74 25.29 -4.67
N VAL A 667 -12.12 25.94 -3.58
CA VAL A 667 -12.17 25.29 -2.27
C VAL A 667 -13.45 24.47 -2.23
N MET A 668 -13.33 23.17 -2.00
CA MET A 668 -14.48 22.26 -2.07
C MET A 668 -15.41 22.49 -0.89
N ALA A 669 -16.71 22.44 -1.14
CA ALA A 669 -17.73 22.70 -0.12
C ALA A 669 -18.05 21.42 0.64
N SER A 670 -17.03 20.87 1.30
CA SER A 670 -17.14 19.57 1.95
C SER A 670 -16.20 19.51 3.15
N LYS A 671 -16.51 18.61 4.09
CA LYS A 671 -15.74 18.46 5.33
C LYS A 671 -14.23 18.64 5.15
N LYS A 672 -13.65 19.57 5.90
CA LYS A 672 -12.20 19.82 5.96
C LYS A 672 -11.66 20.62 4.77
N LYS A 673 -12.57 21.25 4.02
CA LYS A 673 -12.23 22.20 2.95
C LYS A 673 -11.01 21.78 2.11
N PRO A 674 -11.13 20.65 1.39
CA PRO A 674 -10.07 20.31 0.44
C PRO A 674 -10.04 21.29 -0.71
N LEU A 675 -8.87 21.45 -1.33
CA LEU A 675 -8.74 22.18 -2.58
C LEU A 675 -9.01 21.27 -3.77
N TRP A 676 -9.85 21.72 -4.69
CA TRP A 676 -10.04 21.10 -5.99
C TRP A 676 -9.16 21.87 -6.96
N LEU A 677 -8.00 21.31 -7.31
CA LEU A 677 -7.09 21.96 -8.25
C LEU A 677 -7.15 21.27 -9.59
N GLU A 678 -6.85 22.01 -10.66
CA GLU A 678 -6.76 21.44 -12.00
C GLU A 678 -5.56 22.04 -12.71
N PHE A 679 -4.88 21.22 -13.50
CA PHE A 679 -3.68 21.64 -14.22
C PHE A 679 -3.78 21.30 -15.69
N LYS A 680 -3.22 22.16 -16.53
CA LYS A 680 -3.05 21.84 -17.94
C LYS A 680 -1.90 20.84 -18.01
N CYS A 681 -1.99 19.89 -18.94
CA CYS A 681 -0.89 18.97 -19.21
C CYS A 681 0.25 19.79 -19.82
N ALA A 682 1.49 19.43 -19.47
CA ALA A 682 2.67 20.19 -19.92
C ALA A 682 3.29 19.61 -21.19
N ASP A 683 2.70 18.53 -21.72
CA ASP A 683 3.22 17.92 -22.93
C ASP A 683 2.35 18.38 -24.11
N PRO A 684 2.93 19.13 -25.06
CA PRO A 684 2.15 19.62 -26.20
C PRO A 684 1.64 18.49 -27.11
N THR A 685 2.34 17.35 -27.12
CA THR A 685 1.92 16.19 -27.91
C THR A 685 0.70 15.46 -27.33
N ALA A 686 0.28 15.88 -26.13
CA ALA A 686 -0.98 15.40 -25.56
C ALA A 686 -2.13 15.61 -26.55
N LEU A 687 -3.04 14.65 -26.61
CA LEU A 687 -4.15 14.68 -27.56
C LEU A 687 -5.37 15.44 -27.03
N SER A 688 -5.15 16.50 -26.25
CA SER A 688 -6.25 17.25 -25.65
C SER A 688 -5.79 18.52 -24.92
N ASN A 689 -6.79 19.33 -24.53
CA ASN A 689 -6.62 20.47 -23.65
C ASN A 689 -7.29 20.16 -22.28
N GLU A 690 -7.65 18.89 -22.09
CA GLU A 690 -8.32 18.41 -20.87
C GLU A 690 -7.38 18.38 -19.67
N THR A 691 -7.81 18.98 -18.56
CA THR A 691 -6.92 19.20 -17.42
C THR A 691 -6.65 17.96 -16.57
N ILE A 692 -5.64 18.08 -15.73
CA ILE A 692 -5.28 17.08 -14.73
C ILE A 692 -5.86 17.57 -13.40
N GLY A 693 -6.85 16.85 -12.89
CA GLY A 693 -7.55 17.27 -11.67
C GLY A 693 -6.92 16.60 -10.46
N ILE A 694 -6.61 17.39 -9.43
CA ILE A 694 -6.07 16.86 -8.18
C ILE A 694 -6.82 17.46 -7.01
N ILE A 695 -7.19 16.62 -6.04
CA ILE A 695 -7.70 17.11 -4.76
C ILE A 695 -6.57 17.08 -3.73
N PHE A 696 -6.39 18.18 -2.99
CA PHE A 696 -5.46 18.26 -1.87
C PHE A 696 -6.24 18.37 -0.56
N LYS A 697 -6.00 17.45 0.37
CA LYS A 697 -6.82 17.40 1.59
C LYS A 697 -5.99 17.26 2.86
N HIS A 698 -6.41 17.96 3.91
CA HIS A 698 -5.93 17.70 5.26
C HIS A 698 -7.12 17.32 6.12
N GLY A 699 -6.90 16.37 7.03
CA GLY A 699 -7.93 15.98 7.99
C GLY A 699 -8.15 14.49 7.98
N ASP A 700 -8.24 13.92 6.77
CA ASP A 700 -8.35 12.48 6.57
C ASP A 700 -6.97 11.84 6.57
N ASP A 701 -6.87 10.63 7.13
CA ASP A 701 -5.63 9.86 7.09
C ASP A 701 -5.55 9.09 5.78
N LEU A 702 -4.92 9.70 4.77
CA LEU A 702 -4.85 9.12 3.43
C LEU A 702 -3.88 7.94 3.32
N ARG A 703 -3.15 7.63 4.37
CA ARG A 703 -2.37 6.39 4.39
C ARG A 703 -3.31 5.20 4.29
N GLN A 704 -4.46 5.30 4.96
CA GLN A 704 -5.47 4.24 4.93
C GLN A 704 -6.05 4.06 3.52
N ASP A 705 -6.38 5.16 2.87
CA ASP A 705 -6.89 5.11 1.52
C ASP A 705 -5.90 4.43 0.58
N MET A 706 -4.62 4.77 0.72
CA MET A 706 -3.59 4.16 -0.10
C MET A 706 -3.63 2.64 -0.01
N LEU A 707 -3.66 2.12 1.22
CA LEU A 707 -3.62 0.68 1.41
C LEU A 707 -4.84 0.02 0.75
N ILE A 708 -6.01 0.61 0.96
CA ILE A 708 -7.27 0.07 0.45
C ILE A 708 -7.33 0.11 -1.07
N LEU A 709 -6.92 1.23 -1.66
CA LEU A 709 -6.90 1.31 -3.13
C LEU A 709 -5.90 0.32 -3.71
N GLN A 710 -4.80 0.07 -3.01
CA GLN A 710 -3.79 -0.83 -3.55
C GLN A 710 -4.26 -2.28 -3.50
N ILE A 711 -5.05 -2.62 -2.50
CA ILE A 711 -5.70 -3.93 -2.46
C ILE A 711 -6.73 -4.07 -3.58
N LEU A 712 -7.41 -2.97 -3.91
CA LEU A 712 -8.36 -3.02 -5.01
C LEU A 712 -7.60 -3.38 -6.28
N ARG A 713 -6.49 -2.71 -6.52
CA ARG A 713 -5.62 -3.09 -7.63
C ARG A 713 -5.18 -4.56 -7.55
N ILE A 714 -4.87 -5.03 -6.35
CA ILE A 714 -4.52 -6.43 -6.19
C ILE A 714 -5.67 -7.34 -6.63
N MET A 715 -6.90 -6.96 -6.30
CA MET A 715 -8.06 -7.77 -6.64
C MET A 715 -8.28 -7.81 -8.15
N GLU A 716 -8.19 -6.65 -8.80
CA GLU A 716 -8.28 -6.59 -10.27
C GLU A 716 -7.29 -7.54 -10.94
N SER A 717 -6.09 -7.65 -10.37
CA SER A 717 -5.08 -8.60 -10.82
C SER A 717 -5.45 -10.08 -10.53
N ILE A 718 -6.11 -10.33 -9.41
CA ILE A 718 -6.63 -11.66 -9.10
C ILE A 718 -7.77 -12.06 -10.07
N TRP A 719 -8.45 -11.07 -10.63
CA TRP A 719 -9.54 -11.32 -11.57
C TRP A 719 -9.03 -11.49 -13.00
N GLU A 720 -7.94 -10.80 -13.33
CA GLU A 720 -7.26 -11.01 -14.60
C GLU A 720 -6.77 -12.47 -14.76
N THR A 721 -6.38 -13.10 -13.64
CA THR A 721 -5.91 -14.49 -13.68
C THR A 721 -7.02 -15.46 -14.13
N GLU A 722 -8.25 -15.19 -13.68
CA GLU A 722 -9.41 -15.99 -14.03
C GLU A 722 -10.26 -15.26 -15.07
N SER A 723 -9.59 -14.48 -15.91
CA SER A 723 -10.20 -13.90 -17.10
C SER A 723 -11.44 -13.06 -16.81
N LEU A 724 -11.46 -12.42 -15.63
CA LEU A 724 -12.53 -11.49 -15.25
C LEU A 724 -12.00 -10.05 -15.24
N ASP A 725 -12.92 -9.11 -15.41
CA ASP A 725 -12.60 -7.69 -15.39
C ASP A 725 -13.81 -6.98 -14.84
N LEU A 726 -13.78 -6.62 -13.54
CA LEU A 726 -14.93 -6.02 -12.86
C LEU A 726 -14.86 -4.50 -12.79
N CYS A 727 -14.03 -3.91 -13.65
CA CYS A 727 -14.07 -2.49 -13.94
C CYS A 727 -13.97 -1.56 -12.72
N LEU A 728 -13.09 -1.89 -11.77
CA LEU A 728 -12.85 -1.00 -10.64
C LEU A 728 -12.16 0.26 -11.17
N LEU A 729 -12.35 1.38 -10.46
CA LEU A 729 -11.58 2.60 -10.69
C LEU A 729 -10.86 2.98 -9.39
N PRO A 730 -9.78 2.25 -9.06
CA PRO A 730 -8.96 2.66 -7.91
C PRO A 730 -8.08 3.83 -8.30
N TYR A 731 -8.64 5.03 -8.19
CA TYR A 731 -7.95 6.28 -8.53
C TYR A 731 -6.68 6.47 -7.69
N GLY A 732 -5.81 7.37 -8.14
CA GLY A 732 -4.55 7.63 -7.45
C GLY A 732 -4.76 8.29 -6.11
N CYS A 733 -3.97 7.88 -5.13
CA CYS A 733 -3.94 8.52 -3.83
C CYS A 733 -2.54 8.47 -3.29
N ILE A 734 -1.96 9.60 -2.92
CA ILE A 734 -0.64 9.62 -2.28
C ILE A 734 -0.66 10.40 -0.98
N SER A 735 -0.46 9.69 0.14
CA SER A 735 -0.43 10.30 1.46
C SER A 735 0.95 10.88 1.71
N THR A 736 1.04 12.21 1.70
CA THR A 736 2.32 12.93 1.68
C THR A 736 2.80 13.48 3.05
N GLY A 737 1.92 13.44 4.04
CA GLY A 737 2.25 13.85 5.40
C GLY A 737 1.18 13.41 6.40
N ASP A 738 1.12 14.09 7.54
CA ASP A 738 0.22 13.72 8.65
C ASP A 738 -1.21 14.20 8.41
N LYS A 739 -2.14 13.25 8.29
CA LYS A 739 -3.52 13.53 7.94
C LYS A 739 -3.64 14.40 6.67
N ILE A 740 -2.66 14.29 5.78
CA ILE A 740 -2.61 15.14 4.60
C ILE A 740 -2.08 14.36 3.39
N GLY A 741 -2.61 14.68 2.21
CA GLY A 741 -2.11 14.12 0.96
C GLY A 741 -2.88 14.64 -0.25
N MET A 742 -2.69 13.97 -1.39
CA MET A 742 -3.45 14.30 -2.59
C MET A 742 -4.34 13.15 -3.07
N ILE A 743 -5.27 13.48 -3.96
CA ILE A 743 -6.22 12.51 -4.52
C ILE A 743 -6.47 12.80 -6.00
N GLU A 744 -6.28 11.79 -6.86
CA GLU A 744 -6.60 11.94 -8.29
C GLU A 744 -8.08 12.24 -8.49
N ILE A 745 -8.39 13.12 -9.44
CA ILE A 745 -9.78 13.36 -9.84
C ILE A 745 -10.16 12.50 -11.05
N VAL A 746 -11.00 11.49 -10.82
CA VAL A 746 -11.61 10.74 -11.91
C VAL A 746 -12.59 11.67 -12.62
N LYS A 747 -12.35 11.94 -13.89
CA LYS A 747 -13.14 12.93 -14.63
C LYS A 747 -14.58 12.47 -14.93
N ASP A 748 -15.45 13.44 -15.18
CA ASP A 748 -16.82 13.20 -15.65
C ASP A 748 -17.67 12.39 -14.65
N ALA A 749 -17.51 12.68 -13.36
CA ALA A 749 -18.16 11.87 -12.32
C ALA A 749 -18.92 12.72 -11.31
N THR A 750 -19.94 12.10 -10.72
CA THR A 750 -20.79 12.73 -9.74
C THR A 750 -21.20 11.64 -8.77
N THR A 751 -21.61 12.02 -7.56
CA THR A 751 -21.99 11.03 -6.56
C THR A 751 -23.42 10.51 -6.84
N ILE A 752 -23.75 9.37 -6.26
CA ILE A 752 -25.09 8.80 -6.41
C ILE A 752 -26.08 9.67 -5.63
N ALA A 753 -25.68 10.10 -4.44
CA ALA A 753 -26.50 10.98 -3.63
C ALA A 753 -26.90 12.26 -4.36
N LYS A 754 -26.00 12.82 -5.16
CA LYS A 754 -26.26 14.10 -5.84
C LYS A 754 -27.13 13.92 -7.08
N ILE A 755 -27.07 12.73 -7.68
CA ILE A 755 -27.95 12.39 -8.80
C ILE A 755 -29.39 12.26 -8.31
N GLN A 756 -29.56 11.69 -7.11
CA GLN A 756 -30.86 11.66 -6.45
C GLN A 756 -31.33 13.08 -6.13
N GLN A 757 -30.42 13.88 -5.56
CA GLN A 757 -30.72 15.27 -5.17
C GLN A 757 -31.00 16.21 -6.36
N SER A 758 -30.55 15.84 -7.56
CA SER A 758 -30.81 16.64 -8.78
C SER A 758 -32.28 16.57 -9.24
N THR A 759 -32.99 15.52 -8.83
CA THR A 759 -34.40 15.33 -9.18
C THR A 759 -35.30 15.45 -7.95
N VAL A 760 -35.07 14.60 -6.96
CA VAL A 760 -35.89 14.54 -5.75
C VAL A 760 -35.76 15.81 -4.91
N GLY A 761 -34.54 16.32 -4.78
CA GLY A 761 -34.30 17.57 -4.07
C GLY A 761 -33.37 17.38 -2.88
N ASN A 762 -33.22 18.46 -2.10
CA ASN A 762 -32.25 18.53 -1.00
C ASN A 762 -32.54 17.52 0.11
N THR A 763 -33.81 17.12 0.23
CA THR A 763 -34.19 16.05 1.15
C THR A 763 -35.48 15.40 0.67
N GLY A 764 -35.63 14.10 0.91
CA GLY A 764 -36.85 13.39 0.58
C GLY A 764 -36.70 11.91 0.37
N ALA A 765 -37.71 11.32 -0.27
CA ALA A 765 -37.72 9.91 -0.63
C ALA A 765 -36.94 9.71 -1.91
N PHE A 766 -35.99 8.78 -1.89
CA PHE A 766 -35.12 8.54 -3.03
C PHE A 766 -35.91 7.78 -4.10
N LYS A 767 -35.84 8.26 -5.34
CA LYS A 767 -36.61 7.67 -6.43
C LYS A 767 -35.79 6.72 -7.29
N ASP A 768 -36.39 5.58 -7.63
CA ASP A 768 -35.70 4.46 -8.27
C ASP A 768 -35.35 4.71 -9.74
N GLU A 769 -36.08 5.62 -10.37
CA GLU A 769 -35.95 5.88 -11.81
C GLU A 769 -34.73 6.75 -12.15
N VAL A 770 -34.25 7.54 -11.18
CA VAL A 770 -33.35 8.67 -11.44
C VAL A 770 -32.00 8.30 -12.05
N LEU A 771 -31.32 7.29 -11.50
CA LEU A 771 -30.00 6.91 -11.96
C LEU A 771 -30.02 6.46 -13.43
N ASN A 772 -31.02 5.66 -13.81
CA ASN A 772 -31.16 5.20 -15.19
C ASN A 772 -31.50 6.35 -16.15
N HIS A 773 -32.21 7.36 -15.65
CA HIS A 773 -32.50 8.55 -16.46
C HIS A 773 -31.22 9.34 -16.68
N TRP A 774 -30.47 9.52 -15.60
CA TRP A 774 -29.17 10.18 -15.65
C TRP A 774 -28.23 9.48 -16.62
N LEU A 775 -28.16 8.15 -16.55
CA LEU A 775 -27.35 7.40 -17.50
C LEU A 775 -27.82 7.68 -18.92
N LYS A 776 -29.11 7.44 -19.18
CA LYS A 776 -29.67 7.64 -20.52
C LYS A 776 -29.53 9.09 -20.99
N GLU A 777 -29.66 10.03 -20.06
CA GLU A 777 -29.54 11.46 -20.37
C GLU A 777 -28.13 11.89 -20.81
N LYS A 778 -27.12 11.10 -20.47
CA LYS A 778 -25.73 11.43 -20.78
C LYS A 778 -25.24 10.73 -22.04
N SER A 779 -25.59 9.46 -22.20
CA SER A 779 -25.23 8.70 -23.39
C SER A 779 -25.91 9.31 -24.62
N PRO A 780 -25.18 9.44 -25.74
CA PRO A 780 -25.75 9.97 -26.98
C PRO A 780 -26.41 8.93 -27.90
N THR A 781 -26.22 7.65 -27.62
CA THR A 781 -26.75 6.59 -28.49
C THR A 781 -27.12 5.33 -27.72
N GLU A 782 -27.86 4.45 -28.39
CA GLU A 782 -28.16 3.12 -27.86
C GLU A 782 -26.93 2.21 -27.95
N GLU A 783 -25.86 2.71 -28.58
CA GLU A 783 -24.57 2.02 -28.59
C GLU A 783 -23.85 2.24 -27.27
N LYS A 784 -23.80 3.49 -26.84
CA LYS A 784 -23.04 3.88 -25.65
C LYS A 784 -23.78 3.50 -24.37
N PHE A 785 -25.04 3.94 -24.26
CA PHE A 785 -25.87 3.69 -23.08
C PHE A 785 -25.89 2.23 -22.67
N GLN A 786 -26.08 1.36 -23.66
CA GLN A 786 -26.23 -0.06 -23.41
C GLN A 786 -24.86 -0.68 -23.11
N ALA A 787 -23.78 0.03 -23.48
CA ALA A 787 -22.42 -0.29 -23.03
C ALA A 787 -22.19 0.30 -21.63
N ALA A 788 -22.61 1.54 -21.44
CA ALA A 788 -22.64 2.16 -20.10
C ALA A 788 -23.34 1.27 -19.08
N VAL A 789 -24.50 0.73 -19.46
CA VAL A 789 -25.23 -0.19 -18.59
C VAL A 789 -24.41 -1.46 -18.31
N GLU A 790 -23.71 -1.94 -19.33
CA GLU A 790 -22.81 -3.09 -19.18
C GLU A 790 -21.59 -2.74 -18.30
N ARG A 791 -21.11 -1.50 -18.40
CA ARG A 791 -20.03 -1.04 -17.52
C ARG A 791 -20.49 -0.95 -16.07
N PHE A 792 -21.76 -0.61 -15.87
CA PHE A 792 -22.32 -0.48 -14.53
C PHE A 792 -22.50 -1.84 -13.87
N VAL A 793 -23.20 -2.74 -14.55
CA VAL A 793 -23.40 -4.11 -14.06
C VAL A 793 -22.10 -4.70 -13.54
N TYR A 794 -21.05 -4.53 -14.33
CA TYR A 794 -19.72 -5.06 -13.99
C TYR A 794 -19.08 -4.28 -12.84
N SER A 795 -19.03 -2.95 -12.95
CA SER A 795 -18.37 -2.16 -11.90
C SER A 795 -19.11 -2.33 -10.56
N CYS A 796 -20.44 -2.28 -10.61
CA CYS A 796 -21.26 -2.49 -9.41
C CYS A 796 -20.95 -3.83 -8.74
N ALA A 797 -20.87 -4.89 -9.54
CA ALA A 797 -20.52 -6.20 -9.00
C ALA A 797 -19.16 -6.16 -8.31
N GLY A 798 -18.15 -5.69 -9.03
CA GLY A 798 -16.81 -5.61 -8.46
C GLY A 798 -16.78 -4.92 -7.12
N TYR A 799 -17.31 -3.69 -7.09
CA TYR A 799 -17.34 -2.93 -5.84
C TYR A 799 -18.20 -3.59 -4.77
N CYS A 800 -19.29 -4.24 -5.16
CA CYS A 800 -20.07 -5.06 -4.21
C CYS A 800 -19.23 -6.19 -3.60
N VAL A 801 -18.49 -6.91 -4.43
CA VAL A 801 -17.64 -7.99 -3.91
C VAL A 801 -16.45 -7.45 -3.10
N ALA A 802 -15.66 -6.58 -3.72
CA ALA A 802 -14.44 -6.05 -3.08
C ALA A 802 -14.74 -5.40 -1.74
N THR A 803 -15.75 -4.54 -1.71
CA THR A 803 -16.09 -3.83 -0.49
C THR A 803 -16.62 -4.78 0.56
N PHE A 804 -17.29 -5.84 0.14
CA PHE A 804 -17.83 -6.79 1.10
C PHE A 804 -16.70 -7.49 1.81
N VAL A 805 -15.81 -8.10 1.04
CA VAL A 805 -14.62 -8.80 1.58
C VAL A 805 -13.77 -7.90 2.49
N LEU A 806 -13.56 -6.64 2.08
CA LEU A 806 -12.80 -5.68 2.89
C LEU A 806 -13.58 -5.08 4.08
N GLY A 807 -14.89 -5.31 4.13
CA GLY A 807 -15.68 -4.88 5.28
C GLY A 807 -15.95 -3.39 5.32
N ILE A 808 -16.08 -2.78 4.14
CA ILE A 808 -16.39 -1.37 4.04
C ILE A 808 -17.50 -1.16 3.00
N GLY A 809 -18.42 -2.14 2.92
CA GLY A 809 -19.52 -2.12 1.97
C GLY A 809 -20.73 -1.29 2.38
N ASP A 810 -20.85 -1.00 3.68
CA ASP A 810 -21.95 -0.20 4.19
C ASP A 810 -21.59 1.28 4.16
N ARG A 811 -21.92 1.94 3.06
CA ARG A 811 -21.56 3.33 2.83
C ARG A 811 -22.76 4.19 2.49
N HIS A 812 -22.68 5.46 2.87
CA HIS A 812 -23.57 6.50 2.42
C HIS A 812 -23.30 6.69 0.94
N ASN A 813 -24.35 6.80 0.15
CA ASN A 813 -24.22 6.90 -1.32
C ASN A 813 -23.70 8.26 -1.79
N ASP A 814 -23.46 9.17 -0.84
CA ASP A 814 -22.67 10.37 -1.10
C ASP A 814 -21.19 9.98 -1.35
N ASN A 815 -20.81 8.80 -0.86
CA ASN A 815 -19.47 8.27 -1.04
C ASN A 815 -19.38 7.22 -2.16
N ILE A 816 -20.44 7.04 -2.93
CA ILE A 816 -20.36 6.21 -4.13
C ILE A 816 -20.52 7.12 -5.33
N MET A 817 -19.73 6.88 -6.37
CA MET A 817 -19.77 7.74 -7.55
C MET A 817 -20.07 6.93 -8.80
N ILE A 818 -20.32 7.64 -9.88
CA ILE A 818 -20.51 7.03 -11.19
C ILE A 818 -20.02 8.00 -12.27
N THR A 819 -19.35 7.48 -13.29
CA THR A 819 -18.93 8.30 -14.43
C THR A 819 -20.06 8.41 -15.42
N GLU A 820 -20.01 9.46 -16.23
CA GLU A 820 -20.96 9.66 -17.32
C GLU A 820 -20.66 8.68 -18.43
N THR A 821 -20.47 7.41 -18.07
CA THR A 821 -20.19 6.32 -19.00
C THR A 821 -20.45 4.98 -18.33
N GLY A 822 -20.98 5.01 -17.11
CA GLY A 822 -21.43 3.80 -16.44
C GLY A 822 -20.50 3.25 -15.39
N ASN A 823 -19.30 3.81 -15.27
CA ASN A 823 -18.34 3.26 -14.30
C ASN A 823 -18.69 3.78 -12.92
N LEU A 824 -19.08 2.84 -12.06
CA LEU A 824 -19.38 3.13 -10.67
C LEU A 824 -18.13 2.91 -9.85
N PHE A 825 -17.92 3.73 -8.81
CA PHE A 825 -16.76 3.59 -7.93
C PHE A 825 -16.92 4.33 -6.62
N HIS A 826 -16.45 3.70 -5.54
CA HIS A 826 -16.48 4.26 -4.19
C HIS A 826 -15.39 5.29 -3.98
N ILE A 827 -15.46 6.03 -2.87
CA ILE A 827 -14.41 6.98 -2.47
C ILE A 827 -14.29 7.06 -0.94
N ASP A 828 -13.23 7.74 -0.49
CA ASP A 828 -13.02 8.06 0.93
C ASP A 828 -13.09 6.83 1.83
N PHE A 829 -11.96 6.18 2.02
CA PHE A 829 -11.95 4.88 2.69
C PHE A 829 -11.42 4.92 4.12
N GLY A 830 -11.11 6.11 4.60
CA GLY A 830 -10.56 6.27 5.95
C GLY A 830 -11.59 6.04 7.04
N HIS A 831 -11.19 5.32 8.09
CA HIS A 831 -11.99 5.16 9.31
C HIS A 831 -13.37 4.53 9.10
N ILE A 832 -13.54 3.80 8.00
CA ILE A 832 -14.79 3.09 7.70
C ILE A 832 -14.83 1.79 8.51
N LEU A 833 -13.67 1.18 8.72
CA LEU A 833 -13.53 0.07 9.66
C LEU A 833 -13.54 0.68 11.07
N GLY A 834 -14.68 0.57 11.75
CA GLY A 834 -14.87 1.21 13.06
C GLY A 834 -14.13 0.51 14.18
N ASN A 843 -29.89 -3.19 17.98
CA ASN A 843 -28.70 -2.87 17.22
C ASN A 843 -29.04 -2.25 15.87
N LYS A 844 -28.10 -1.48 15.33
CA LYS A 844 -28.33 -0.67 14.12
C LYS A 844 -28.42 -1.53 12.85
N GLU A 845 -29.27 -1.09 11.93
CA GLU A 845 -29.47 -1.78 10.65
C GLU A 845 -28.18 -1.78 9.83
N ARG A 846 -27.99 -2.83 9.03
CA ARG A 846 -26.77 -2.99 8.25
C ARG A 846 -27.04 -3.57 6.87
N VAL A 847 -26.08 -3.38 5.97
CA VAL A 847 -26.08 -4.01 4.64
C VAL A 847 -24.67 -4.58 4.41
N PRO A 848 -24.55 -5.64 3.60
CA PRO A 848 -23.20 -6.14 3.28
C PRO A 848 -22.50 -5.24 2.25
N PHE A 849 -23.25 -4.81 1.26
CA PHE A 849 -22.77 -3.86 0.25
C PHE A 849 -23.94 -3.06 -0.26
N VAL A 850 -23.65 -2.01 -1.03
CA VAL A 850 -24.69 -1.11 -1.48
C VAL A 850 -25.17 -1.51 -2.87
N LEU A 851 -26.27 -2.25 -2.91
CA LEU A 851 -26.93 -2.60 -4.17
C LEU A 851 -28.38 -2.14 -4.08
N THR A 852 -28.56 -0.83 -4.17
CA THR A 852 -29.84 -0.18 -3.89
C THR A 852 -30.82 -0.27 -5.06
N PRO A 853 -32.11 0.03 -4.81
CA PRO A 853 -33.12 -0.15 -5.87
C PRO A 853 -32.87 0.64 -7.15
N ASP A 854 -32.21 1.78 -7.04
CA ASP A 854 -31.82 2.56 -8.20
C ASP A 854 -30.80 1.82 -9.06
N PHE A 855 -29.92 1.05 -8.41
CA PHE A 855 -28.92 0.27 -9.12
C PHE A 855 -29.67 -0.79 -9.90
N LEU A 856 -30.45 -1.59 -9.19
CA LEU A 856 -31.24 -2.67 -9.78
C LEU A 856 -32.11 -2.20 -10.95
N PHE A 857 -32.68 -1.01 -10.82
CA PHE A 857 -33.49 -0.38 -11.88
C PHE A 857 -32.73 -0.32 -13.21
N VAL A 858 -31.41 -0.11 -13.12
CA VAL A 858 -30.55 -0.05 -14.30
C VAL A 858 -30.34 -1.46 -14.86
N MET A 859 -30.34 -2.44 -13.96
CA MET A 859 -30.19 -3.85 -14.33
C MET A 859 -31.53 -4.49 -14.74
N GLY A 860 -32.63 -3.80 -14.45
CA GLY A 860 -33.97 -4.21 -14.92
C GLY A 860 -34.77 -5.09 -13.97
N THR A 861 -34.78 -4.72 -12.69
CA THR A 861 -35.52 -5.46 -11.68
C THR A 861 -36.14 -4.49 -10.66
N SER A 862 -37.14 -4.96 -9.93
CA SER A 862 -37.77 -4.19 -8.88
C SER A 862 -38.36 -5.13 -7.83
N GLY A 863 -38.17 -4.80 -6.55
CA GLY A 863 -38.65 -5.65 -5.46
C GLY A 863 -37.89 -6.96 -5.37
N LYS A 864 -38.57 -8.06 -5.70
CA LYS A 864 -37.96 -9.39 -5.72
C LYS A 864 -38.09 -10.06 -7.10
N LYS A 865 -38.00 -9.24 -8.14
CA LYS A 865 -38.20 -9.69 -9.53
C LYS A 865 -36.88 -10.32 -10.08
N THR A 866 -36.53 -10.08 -11.35
CA THR A 866 -35.35 -10.66 -11.98
C THR A 866 -35.28 -10.27 -13.46
N SER A 867 -34.06 -10.21 -14.02
CA SER A 867 -33.85 -9.83 -15.42
C SER A 867 -32.61 -10.50 -16.01
N PRO A 868 -32.32 -10.27 -17.31
CA PRO A 868 -31.07 -10.78 -17.88
C PRO A 868 -29.81 -10.05 -17.38
N HIS A 869 -29.89 -8.73 -17.20
CA HIS A 869 -28.74 -7.95 -16.68
C HIS A 869 -28.48 -8.24 -15.20
N PHE A 870 -29.53 -8.49 -14.44
CA PHE A 870 -29.38 -8.90 -13.04
C PHE A 870 -28.84 -10.33 -12.91
N GLN A 871 -29.26 -11.20 -13.82
CA GLN A 871 -28.70 -12.56 -13.92
C GLN A 871 -27.20 -12.51 -14.21
N LYS A 872 -26.79 -11.56 -15.05
CA LYS A 872 -25.37 -11.36 -15.34
C LYS A 872 -24.66 -10.77 -14.13
N PHE A 873 -25.34 -9.85 -13.45
CA PHE A 873 -24.83 -9.31 -12.18
C PHE A 873 -24.57 -10.44 -11.19
N GLN A 874 -25.62 -11.21 -10.88
CA GLN A 874 -25.50 -12.33 -9.94
C GLN A 874 -24.37 -13.29 -10.33
N ASP A 875 -24.23 -13.57 -11.62
CA ASP A 875 -23.21 -14.51 -12.10
C ASP A 875 -21.81 -13.90 -12.12
N ILE A 876 -21.71 -12.58 -12.35
CA ILE A 876 -20.43 -11.89 -12.28
C ILE A 876 -19.93 -11.88 -10.84
N CYS A 877 -20.82 -11.56 -9.89
CA CYS A 877 -20.45 -11.50 -8.49
C CYS A 877 -19.84 -12.82 -8.02
N VAL A 878 -20.43 -13.92 -8.49
CA VAL A 878 -20.06 -15.27 -8.05
C VAL A 878 -18.72 -15.71 -8.62
N LYS A 879 -18.45 -15.33 -9.86
CA LYS A 879 -17.13 -15.58 -10.46
C LYS A 879 -16.08 -14.75 -9.72
N ALA A 880 -16.45 -13.51 -9.41
CA ALA A 880 -15.61 -12.61 -8.64
C ALA A 880 -15.33 -13.17 -7.25
N TYR A 881 -16.40 -13.40 -6.48
CA TYR A 881 -16.28 -13.80 -5.08
C TYR A 881 -15.49 -15.10 -4.90
N LEU A 882 -15.68 -16.04 -5.83
CA LEU A 882 -14.94 -17.29 -5.82
C LEU A 882 -13.50 -17.11 -6.34
N ALA A 883 -13.28 -16.18 -7.25
CA ALA A 883 -11.92 -15.84 -7.68
C ALA A 883 -11.08 -15.29 -6.52
N LEU A 884 -11.65 -14.44 -5.66
CA LEU A 884 -10.93 -13.95 -4.47
C LEU A 884 -10.72 -15.06 -3.45
N ARG A 885 -11.70 -15.94 -3.31
CA ARG A 885 -11.57 -17.06 -2.36
C ARG A 885 -10.45 -18.01 -2.77
N HIS A 886 -10.16 -18.06 -4.07
CA HIS A 886 -9.01 -18.84 -4.55
C HIS A 886 -7.68 -18.36 -3.94
N HIS A 887 -7.63 -17.09 -3.53
CA HIS A 887 -6.47 -16.53 -2.85
C HIS A 887 -6.79 -16.11 -1.42
N THR A 888 -7.50 -16.98 -0.70
CA THR A 888 -7.94 -16.66 0.66
C THR A 888 -6.76 -16.20 1.50
N ASN A 889 -5.76 -17.05 1.64
CA ASN A 889 -4.58 -16.75 2.44
C ASN A 889 -3.94 -15.41 2.08
N LEU A 890 -3.80 -15.14 0.79
CA LEU A 890 -3.15 -13.89 0.34
C LEU A 890 -3.88 -12.67 0.89
N LEU A 891 -5.19 -12.62 0.66
CA LEU A 891 -6.02 -11.53 1.17
C LEU A 891 -6.00 -11.47 2.70
N ILE A 892 -6.02 -12.62 3.36
CA ILE A 892 -5.90 -12.62 4.82
C ILE A 892 -4.60 -11.95 5.32
N ILE A 893 -3.46 -12.25 4.68
CA ILE A 893 -2.18 -11.69 5.10
C ILE A 893 -2.15 -10.19 4.81
N LEU A 894 -2.57 -9.82 3.60
CA LEU A 894 -2.62 -8.42 3.21
C LEU A 894 -3.58 -7.60 4.09
N PHE A 895 -4.67 -8.22 4.53
CA PHE A 895 -5.66 -7.54 5.36
C PHE A 895 -5.11 -7.42 6.77
N SER A 896 -4.49 -8.49 7.25
CA SER A 896 -3.89 -8.47 8.58
C SER A 896 -2.75 -7.46 8.69
N MET A 897 -1.94 -7.35 7.64
CA MET A 897 -0.82 -6.42 7.63
C MET A 897 -1.30 -4.98 7.55
N MET A 898 -2.32 -4.76 6.73
CA MET A 898 -2.91 -3.44 6.60
C MET A 898 -3.37 -2.91 7.94
N LEU A 899 -4.04 -3.74 8.75
CA LEU A 899 -4.55 -3.25 10.05
C LEU A 899 -3.41 -2.94 11.03
N MET A 900 -2.36 -3.75 11.03
CA MET A 900 -1.26 -3.53 11.96
C MET A 900 -0.42 -2.31 11.63
N THR A 901 -0.19 -2.04 10.33
CA THR A 901 0.76 -1.00 9.92
C THR A 901 0.10 0.31 9.50
N GLY A 902 -1.20 0.28 9.24
CA GLY A 902 -1.90 1.46 8.73
C GLY A 902 -3.26 1.82 9.31
N MET A 903 -3.80 1.01 10.22
CA MET A 903 -5.10 1.29 10.83
C MET A 903 -4.91 1.56 12.32
N PRO A 904 -4.55 2.80 12.69
CA PRO A 904 -4.52 3.15 14.11
C PRO A 904 -5.93 3.14 14.68
N GLN A 905 -6.06 2.65 15.91
CA GLN A 905 -7.34 2.18 16.46
C GLN A 905 -7.47 0.67 16.21
N LEU A 906 -6.34 0.01 15.95
CA LEU A 906 -6.30 -1.43 15.77
C LEU A 906 -6.42 -2.09 17.13
N THR A 907 -7.65 -2.14 17.64
CA THR A 907 -7.92 -2.60 19.00
C THR A 907 -7.58 -4.07 19.17
N SER A 908 -8.17 -4.92 18.33
CA SER A 908 -8.03 -6.38 18.47
C SER A 908 -7.65 -7.09 17.17
N LYS A 909 -7.07 -8.28 17.32
CA LYS A 909 -6.91 -9.21 16.21
C LYS A 909 -8.26 -9.76 15.74
N GLU A 910 -9.25 -9.73 16.64
CA GLU A 910 -10.65 -10.04 16.33
C GLU A 910 -11.14 -9.32 15.07
N ASP A 911 -10.75 -8.06 14.92
CA ASP A 911 -11.03 -7.28 13.71
C ASP A 911 -10.61 -8.04 12.44
N ILE A 912 -9.46 -8.70 12.52
CA ILE A 912 -8.91 -9.44 11.38
C ILE A 912 -9.83 -10.58 10.99
N GLU A 913 -10.46 -11.20 11.98
CA GLU A 913 -11.31 -12.37 11.72
C GLU A 913 -12.56 -12.06 10.91
N TYR A 914 -12.87 -10.79 10.70
CA TYR A 914 -13.91 -10.42 9.74
C TYR A 914 -13.60 -10.98 8.34
N ILE A 915 -12.33 -10.93 7.94
CA ILE A 915 -11.94 -11.27 6.57
C ILE A 915 -12.13 -12.76 6.27
N ARG A 916 -11.97 -13.61 7.28
CA ARG A 916 -12.13 -15.06 7.09
C ARG A 916 -13.61 -15.40 6.99
N ASP A 917 -14.43 -14.71 7.79
CA ASP A 917 -15.87 -14.92 7.77
C ASP A 917 -16.44 -14.50 6.42
N ALA A 918 -16.03 -13.33 5.96
CA ALA A 918 -16.48 -12.82 4.66
C ALA A 918 -16.07 -13.73 3.52
N LEU A 919 -14.89 -14.32 3.62
CA LEU A 919 -14.38 -15.23 2.59
C LEU A 919 -14.90 -16.66 2.78
N THR A 920 -15.59 -16.91 3.89
CA THR A 920 -16.20 -18.21 4.16
C THR A 920 -15.14 -19.29 4.06
N VAL A 921 -14.20 -19.22 4.99
CA VAL A 921 -13.09 -20.15 5.04
C VAL A 921 -13.61 -21.55 5.35
N GLY A 922 -13.13 -22.53 4.57
CA GLY A 922 -13.49 -23.94 4.78
C GLY A 922 -14.97 -24.21 4.59
N LYS A 923 -15.51 -23.74 3.47
CA LYS A 923 -16.92 -23.92 3.16
C LYS A 923 -17.12 -24.01 1.65
N ASN A 924 -16.82 -25.18 1.10
CA ASN A 924 -16.91 -25.51 -0.34
C ASN A 924 -17.39 -24.43 -1.33
N GLU A 925 -16.89 -24.52 -2.56
CA GLU A 925 -17.26 -23.60 -3.65
C GLU A 925 -18.78 -23.29 -3.72
N GLU A 926 -19.59 -24.32 -3.51
CA GLU A 926 -21.01 -24.28 -3.85
C GLU A 926 -21.86 -23.63 -2.76
N ASP A 927 -21.60 -23.96 -1.50
CA ASP A 927 -22.23 -23.25 -0.37
C ASP A 927 -21.79 -21.79 -0.41
N ALA A 928 -20.56 -21.55 -0.90
CA ALA A 928 -20.03 -20.19 -1.06
C ALA A 928 -20.78 -19.43 -2.15
N LYS A 929 -21.19 -20.12 -3.21
CA LYS A 929 -22.04 -19.51 -4.23
C LYS A 929 -23.34 -19.05 -3.57
N LYS A 930 -23.92 -19.91 -2.75
CA LYS A 930 -25.15 -19.61 -2.04
C LYS A 930 -24.96 -18.44 -1.08
N TYR A 931 -23.98 -18.55 -0.18
CA TYR A 931 -23.74 -17.50 0.83
C TYR A 931 -23.75 -16.13 0.21
N PHE A 932 -23.03 -15.96 -0.89
CA PHE A 932 -22.94 -14.65 -1.51
C PHE A 932 -24.21 -14.25 -2.25
N LEU A 933 -24.97 -15.23 -2.76
CA LEU A 933 -26.25 -14.91 -3.39
C LEU A 933 -27.27 -14.40 -2.38
N ASP A 934 -27.19 -14.88 -1.15
CA ASP A 934 -28.09 -14.41 -0.10
C ASP A 934 -27.68 -13.06 0.48
N GLN A 935 -26.39 -12.70 0.37
CA GLN A 935 -25.93 -11.36 0.72
C GLN A 935 -26.54 -10.33 -0.22
N ILE A 936 -26.64 -10.69 -1.50
CA ILE A 936 -27.39 -9.88 -2.47
C ILE A 936 -28.85 -9.77 -2.08
N GLU A 937 -29.44 -10.89 -1.65
CA GLU A 937 -30.85 -10.92 -1.27
C GLU A 937 -31.16 -10.04 -0.06
N VAL A 938 -30.17 -9.85 0.81
CA VAL A 938 -30.34 -8.93 1.94
C VAL A 938 -30.37 -7.48 1.45
N CYS A 939 -29.62 -7.18 0.39
CA CYS A 939 -29.62 -5.83 -0.17
C CYS A 939 -30.96 -5.53 -0.86
N ARG A 940 -31.55 -6.55 -1.47
CA ARG A 940 -32.88 -6.41 -2.10
C ARG A 940 -33.98 -6.26 -1.05
N ASP A 941 -33.84 -6.96 0.08
CA ASP A 941 -34.81 -6.86 1.18
C ASP A 941 -34.75 -5.51 1.89
N LYS A 942 -33.55 -5.04 2.19
CA LYS A 942 -33.37 -3.79 2.96
C LYS A 942 -33.73 -2.52 2.18
N GLY A 943 -33.71 -2.59 0.85
CA GLY A 943 -34.10 -1.47 -0.01
C GLY A 943 -33.34 -0.19 0.26
N TRP A 944 -34.08 0.92 0.41
CA TRP A 944 -33.52 2.24 0.71
C TRP A 944 -33.34 2.50 2.20
N THR A 945 -33.63 1.53 3.06
CA THR A 945 -33.72 1.80 4.49
C THR A 945 -32.38 2.19 5.13
N VAL A 946 -31.36 1.37 4.95
CA VAL A 946 -30.03 1.65 5.52
C VAL A 946 -29.49 2.96 4.96
N GLN A 947 -29.70 3.16 3.67
CA GLN A 947 -29.32 4.39 2.97
C GLN A 947 -30.09 5.57 3.54
N PHE A 948 -31.36 5.34 3.84
CA PHE A 948 -32.20 6.35 4.49
C PHE A 948 -31.67 6.71 5.87
N ASN A 949 -31.14 5.72 6.60
CA ASN A 949 -30.51 5.97 7.91
C ASN A 949 -29.20 6.77 7.86
N TRP A 950 -28.44 6.64 6.76
CA TRP A 950 -27.20 7.44 6.58
C TRP A 950 -27.55 8.91 6.33
N PHE A 951 -28.58 9.15 5.51
CA PHE A 951 -29.09 10.51 5.31
C PHE A 951 -29.47 11.10 6.66
N LEU A 952 -30.16 10.30 7.47
CA LEU A 952 -30.50 10.70 8.84
C LEU A 952 -29.22 10.91 9.64
N HIS A 953 -28.37 9.88 9.70
CA HIS A 953 -27.11 9.94 10.48
C HIS A 953 -26.24 11.15 10.11
N LEU A 954 -25.97 11.32 8.81
CA LEU A 954 -25.22 12.47 8.32
C LEU A 954 -26.13 13.69 8.22
N VAL A 955 -26.62 14.11 9.38
CA VAL A 955 -27.59 15.23 9.55
C VAL A 955 -28.23 15.18 10.96
N LEU A 956 -28.60 13.99 11.42
CA LEU A 956 -29.14 13.77 12.77
C LEU A 956 -28.00 13.64 13.78
N GLY A 957 -27.37 14.77 14.10
CA GLY A 957 -26.16 14.81 14.93
C GLY A 957 -26.19 13.96 16.18
C1 MMD B . -13.61 13.04 -7.29
C2 MMD B . -13.75 11.98 -8.38
O3 MMD B . -12.48 11.33 -8.52
C4 MMD B . -12.26 10.48 -7.37
C5 MMD B . -12.08 11.34 -6.11
N6 MMD B . -13.06 12.44 -6.05
C7 MMD B . -13.48 12.91 -4.81
N8 MMD B . -12.87 12.46 -3.70
N9 MMD B . -14.49 13.79 -4.74
C10 MMD B . -14.90 14.25 -3.54
N11 MMD B . -15.88 15.10 -3.24
S12 MMD B . -16.99 15.63 -4.33
C13 MMD B . -18.06 14.26 -4.66
O14 MMD B . -16.35 16.10 -5.60
O15 MMD B . -17.77 16.76 -3.72
C16 MMD B . -15.98 15.35 -1.79
C17 MMD B . -14.92 14.44 -1.18
C18 MMD B . -14.28 13.79 -2.39
C19 MMD B . -13.23 12.88 -2.47
C20 MMD B . -12.53 12.37 -1.37
C21 MMD B . -11.73 11.23 -1.52
N22 MMD B . -11.05 10.73 -0.50
C23 MMD B . -11.11 11.31 0.71
N24 MMD B . -10.43 10.80 1.74
N27 MMD B . -11.87 12.41 0.89
C28 MMD B . -12.57 12.95 -0.10
S SO4 C . -0.85 -14.60 -25.03
O1 SO4 C . -0.25 -14.97 -26.31
O2 SO4 C . -0.22 -15.37 -23.95
O3 SO4 C . -0.63 -13.17 -24.83
O4 SO4 C . -2.28 -14.91 -25.03
S SO4 D . -20.21 6.28 5.23
O1 SO4 D . -20.16 6.15 3.78
O2 SO4 D . -20.92 5.15 5.83
O3 SO4 D . -18.85 6.36 5.77
O4 SO4 D . -20.92 7.51 5.57
#